data_2EJ6
#
_entry.id   2EJ6
#
_cell.length_a   100.761
_cell.length_b   100.761
_cell.length_c   279.930
_cell.angle_alpha   90.00
_cell.angle_beta   90.00
_cell.angle_gamma   120.00
#
_symmetry.space_group_name_H-M   'H 3'
#
loop_
_entity.id
_entity.type
_entity.pdbx_description
1 polymer '1-pyrroline-5-carboxylate dehydrogenase'
2 non-polymer 'ACETATE ION'
3 non-polymer 'SODIUM ION'
4 non-polymer D-PROLINE
5 non-polymer (4S)-2-METHYL-2,4-PENTANEDIOL
6 water water
#
_entity_poly.entity_id   1
_entity_poly.type   'polypeptide(L)'
_entity_poly.pdbx_seq_one_letter_code
;MTVEPFRNEPIETFQTEEARRAMREALRRVREEFGRHYPLYIGGEWVDTKERMVSLNPSAPSEVVGTTAKAGKAEAEAAL
EAAWKAFKTWKDWPQEDRSRLLLKAAALMRRRKRELEATLVYEVGKNWVEASADVAEAIDFIEYYARAALRYRYPAVEVV
PYPGEDNESFYVPLGAGVVIAPWNFPVAIFTGMIVGPVAVGNTVIAKPAEDAVVVGAKVFEIFHEAGFPPGVVNFLPGVG
EEVGAYLVEHPRIRFINFTGSLEVGLKIYEAAGRLAPGQTWFKRAYVETGGKDAIIVDETADFDLAAEGVVVSAYGFQGQ
KCSAASRLILTQGAYEPVLERVLKRAERLSVGPAEENPDLGPVVSAEQERKVLSYIEIGKNEGQLVLGGKRLEGEGYFIA
PTVFTEVPPKARIAQEEIFGPVLSVIRVKDFAEALEVANDTPYGLTGGVYSRKREHLEWARREFHVGNLYFNRKITGALV
GVQPFGGFKLSGTNAKTGALDYLRLFLEMKAVAERF
;
_entity_poly.pdbx_strand_id   A,B
#
loop_
_chem_comp.id
_chem_comp.type
_chem_comp.name
_chem_comp.formula
ACT non-polymer 'ACETATE ION' 'C2 H3 O2 -1'
MPD non-polymer (4S)-2-METHYL-2,4-PENTANEDIOL 'C6 H14 O2'
NA non-polymer 'SODIUM ION' 'Na 1'
#
# COMPACT_ATOMS: atom_id res chain seq x y z
N MET A 1 20.43 -11.63 16.63
CA MET A 1 20.62 -10.62 17.74
C MET A 1 19.59 -10.66 18.86
N THR A 2 20.03 -10.97 20.10
CA THR A 2 19.10 -11.10 21.23
C THR A 2 19.23 -9.94 22.24
N VAL A 3 18.09 -9.32 22.50
CA VAL A 3 17.93 -8.13 23.34
C VAL A 3 16.71 -8.47 24.19
N GLU A 4 16.48 -7.68 25.22
CA GLU A 4 15.25 -7.82 25.98
C GLU A 4 14.02 -7.60 25.16
N PRO A 5 12.90 -8.26 25.58
CA PRO A 5 11.65 -8.07 24.90
C PRO A 5 11.34 -6.61 25.05
N PHE A 6 10.66 -6.08 24.06
CA PHE A 6 10.32 -4.65 24.01
C PHE A 6 9.47 -4.25 25.21
N ARG A 7 9.88 -3.18 25.88
CA ARG A 7 8.99 -2.48 26.81
C ARG A 7 8.92 -1.03 26.41
N ASN A 8 7.81 -0.37 26.71
CA ASN A 8 7.71 1.10 26.55
C ASN A 8 8.57 1.90 27.54
N GLU A 9 9.33 2.87 27.06
CA GLU A 9 10.12 3.77 27.89
C GLU A 9 9.16 4.51 28.88
N PRO A 10 9.44 4.45 30.21
CA PRO A 10 8.45 5.06 31.12
C PRO A 10 8.37 6.56 30.94
N ILE A 11 7.21 7.15 31.17
CA ILE A 11 7.01 8.59 30.90
C ILE A 11 7.27 9.28 32.25
N GLU A 12 8.19 10.21 32.26
CA GLU A 12 8.51 10.93 33.50
C GLU A 12 7.33 11.83 33.88
N THR A 13 6.94 11.71 35.13
CA THR A 13 5.92 12.55 35.75
C THR A 13 6.51 13.68 36.65
N PHE A 14 7.83 13.72 36.90
CA PHE A 14 8.44 14.79 37.73
C PHE A 14 7.76 15.02 39.09
N GLN A 15 7.44 13.93 39.80
CA GLN A 15 6.94 13.99 41.18
C GLN A 15 8.08 13.85 42.19
N THR A 16 9.05 13.00 41.90
CA THR A 16 10.21 12.92 42.77
C THR A 16 11.10 14.18 42.65
N GLU A 17 11.86 14.46 43.71
CA GLU A 17 12.73 15.61 43.76
C GLU A 17 13.92 15.43 42.83
N GLU A 18 14.42 14.20 42.68
CA GLU A 18 15.48 13.96 41.71
C GLU A 18 15.04 14.26 40.25
N ALA A 19 13.77 13.99 39.92
CA ALA A 19 13.21 14.28 38.58
C ALA A 19 13.16 15.79 38.28
N ARG A 20 12.54 16.54 39.20
CA ARG A 20 12.48 17.99 39.13
C ARG A 20 13.84 18.61 39.05
N ARG A 21 14.75 18.14 39.89
CA ARG A 21 16.10 18.68 39.96
C ARG A 21 16.73 18.47 38.61
N ALA A 22 16.62 17.24 38.07
CA ALA A 22 17.20 16.88 36.77
C ALA A 22 16.62 17.73 35.65
N MET A 23 15.29 17.88 35.66
CA MET A 23 14.63 18.78 34.69
C MET A 23 14.98 20.28 34.81
N ARG A 24 15.11 20.82 36.03
CA ARG A 24 15.41 22.22 36.19
C ARG A 24 16.76 22.51 35.60
N GLU A 25 17.76 21.66 35.88
CA GLU A 25 19.04 21.73 35.21
C GLU A 25 18.95 21.64 33.69
N ALA A 26 18.35 20.59 33.17
CA ALA A 26 18.11 20.44 31.70
C ALA A 26 17.61 21.76 31.04
N LEU A 27 16.54 22.32 31.61
CA LEU A 27 15.90 23.56 31.15
C LEU A 27 16.88 24.76 31.20
N ARG A 28 17.57 24.93 32.33
CA ARG A 28 18.64 25.97 32.43
C ARG A 28 19.73 25.91 31.36
N ARG A 29 20.25 24.73 31.12
CA ARG A 29 21.25 24.47 30.09
C ARG A 29 20.74 24.70 28.71
N VAL A 30 19.52 24.27 28.41
CA VAL A 30 18.92 24.59 27.11
C VAL A 30 18.66 26.09 26.91
N ARG A 31 18.09 26.76 27.92
CA ARG A 31 17.87 28.22 27.91
C ARG A 31 19.23 28.95 27.74
N GLU A 32 20.25 28.46 28.40
CA GLU A 32 21.61 29.05 28.35
C GLU A 32 22.34 28.88 26.99
N GLU A 33 21.80 27.98 26.15
CA GLU A 33 22.30 27.76 24.79
C GLU A 33 21.32 28.24 23.70
N PHE A 34 20.36 29.10 24.04
CA PHE A 34 19.55 29.79 23.07
C PHE A 34 20.45 30.55 22.06
N GLY A 35 20.19 30.36 20.77
CA GLY A 35 20.81 31.15 19.71
C GLY A 35 21.84 30.33 18.97
N ARG A 36 22.01 29.07 19.40
CA ARG A 36 22.83 28.13 18.71
C ARG A 36 22.42 27.93 17.25
N HIS A 37 23.42 27.79 16.35
CA HIS A 37 23.17 27.59 14.91
C HIS A 37 23.45 26.15 14.53
N TYR A 38 22.47 25.55 13.86
CA TYR A 38 22.54 24.15 13.38
C TYR A 38 22.45 24.10 11.85
N PRO A 39 23.51 23.61 11.16
CA PRO A 39 23.51 23.48 9.72
C PRO A 39 22.66 22.32 9.21
N LEU A 40 22.69 22.11 7.88
CA LEU A 40 22.00 20.97 7.25
C LEU A 40 22.79 19.74 7.53
N TYR A 41 22.19 18.55 7.31
CA TYR A 41 23.02 17.35 7.36
C TYR A 41 22.88 16.56 6.07
N ILE A 42 23.97 16.39 5.31
CA ILE A 42 23.86 15.78 3.98
C ILE A 42 25.09 14.94 3.78
N GLY A 43 24.89 13.66 3.50
CA GLY A 43 25.98 12.75 3.28
C GLY A 43 26.99 12.69 4.38
N GLY A 44 26.50 12.57 5.60
CA GLY A 44 27.32 12.39 6.78
C GLY A 44 28.07 13.59 7.33
N GLU A 45 27.81 14.80 6.80
CA GLU A 45 28.43 16.03 7.33
C GLU A 45 27.46 17.21 7.38
N TRP A 46 27.73 18.12 8.31
CA TRP A 46 26.85 19.24 8.56
C TRP A 46 27.20 20.25 7.54
N VAL A 47 26.25 20.62 6.70
CA VAL A 47 26.54 21.54 5.61
C VAL A 47 25.77 22.84 5.85
N ASP A 48 26.47 23.96 5.80
CA ASP A 48 25.83 25.24 6.14
C ASP A 48 25.41 25.95 4.85
N THR A 49 24.51 26.92 4.98
CA THR A 49 24.00 27.72 3.85
C THR A 49 24.11 29.23 4.17
N LYS A 50 24.07 30.06 3.13
CA LYS A 50 24.07 31.53 3.30
C LYS A 50 22.72 32.02 3.92
N GLU A 51 21.58 31.59 3.40
CA GLU A 51 20.33 31.86 4.13
C GLU A 51 20.11 31.02 5.45
N ARG A 52 19.26 31.52 6.36
CA ARG A 52 19.12 30.92 7.68
C ARG A 52 17.63 30.95 8.12
N MET A 53 17.22 30.00 8.96
CA MET A 53 15.85 30.00 9.51
C MET A 53 15.98 30.28 10.97
N VAL A 54 14.99 30.95 11.52
CA VAL A 54 14.94 31.31 12.90
C VAL A 54 13.85 30.48 13.59
N SER A 55 14.16 29.94 14.76
CA SER A 55 13.18 29.21 15.55
C SER A 55 12.98 29.96 16.84
N LEU A 56 11.72 30.30 17.14
CA LEU A 56 11.39 31.12 18.30
C LEU A 56 10.68 30.33 19.38
N ASN A 57 10.60 30.92 20.56
CA ASN A 57 10.04 30.32 21.76
C ASN A 57 8.61 30.80 21.81
N PRO A 58 7.60 29.89 21.66
CA PRO A 58 6.19 30.30 21.56
C PRO A 58 5.70 30.83 22.85
N SER A 59 6.45 30.60 23.92
CA SER A 59 6.11 31.21 25.21
C SER A 59 6.59 32.65 25.34
N ALA A 60 7.45 33.10 24.44
CA ALA A 60 8.12 34.38 24.52
C ALA A 60 8.82 34.59 23.22
N PRO A 61 8.05 34.88 22.14
CA PRO A 61 8.54 34.83 20.76
C PRO A 61 9.62 35.85 20.42
N SER A 62 9.96 36.75 21.35
CA SER A 62 11.10 37.63 21.08
C SER A 62 12.43 36.85 21.22
N GLU A 63 12.39 35.71 21.95
CA GLU A 63 13.55 34.80 22.13
C GLU A 63 13.80 33.83 20.96
N VAL A 64 14.98 33.89 20.34
CA VAL A 64 15.35 32.91 19.33
C VAL A 64 15.91 31.67 20.08
N VAL A 65 15.26 30.50 19.94
CA VAL A 65 15.77 29.27 20.52
C VAL A 65 17.01 28.84 19.73
N GLY A 66 16.91 28.92 18.41
CA GLY A 66 18.10 28.67 17.61
C GLY A 66 17.80 29.03 16.18
N THR A 67 18.82 28.89 15.36
CA THR A 67 18.70 29.10 13.94
C THR A 67 19.31 27.87 13.27
N THR A 68 18.82 27.58 12.07
CA THR A 68 19.37 26.50 11.24
C THR A 68 19.61 27.02 9.87
N ALA A 69 20.40 26.28 9.09
CA ALA A 69 20.61 26.54 7.64
C ALA A 69 19.27 26.35 6.94
N LYS A 70 19.21 26.73 5.69
CA LYS A 70 17.94 26.70 4.98
C LYS A 70 18.23 26.01 3.67
N ALA A 71 17.49 24.96 3.38
CA ALA A 71 17.79 24.12 2.20
C ALA A 71 17.06 24.62 0.93
N GLY A 72 17.78 24.73 -0.19
CA GLY A 72 17.15 25.02 -1.50
C GLY A 72 16.99 23.75 -2.32
N LYS A 73 16.65 23.90 -3.61
CA LYS A 73 16.51 22.77 -4.51
C LYS A 73 17.87 22.13 -4.70
N ALA A 74 18.92 22.94 -4.65
CA ALA A 74 20.24 22.42 -4.88
C ALA A 74 20.60 21.48 -3.78
N GLU A 75 20.25 21.87 -2.54
CA GLU A 75 20.57 21.08 -1.31
C GLU A 75 19.77 19.77 -1.29
N ALA A 76 18.51 19.85 -1.72
CA ALA A 76 17.61 18.71 -1.91
C ALA A 76 18.17 17.73 -2.96
N GLU A 77 18.65 18.24 -4.08
CA GLU A 77 19.23 17.39 -5.11
C GLU A 77 20.50 16.67 -4.60
N ALA A 78 21.39 17.44 -3.96
CA ALA A 78 22.59 16.88 -3.39
C ALA A 78 22.26 15.73 -2.37
N ALA A 79 21.30 15.97 -1.50
CA ALA A 79 20.89 15.04 -0.49
C ALA A 79 20.37 13.80 -1.17
N LEU A 80 19.62 14.02 -2.24
CA LEU A 80 18.98 12.92 -3.01
C LEU A 80 19.99 12.01 -3.71
N GLU A 81 21.03 12.60 -4.32
CA GLU A 81 22.24 11.88 -4.75
C GLU A 81 23.01 11.20 -3.58
N ALA A 82 23.12 11.87 -2.42
CA ALA A 82 23.81 11.18 -1.35
C ALA A 82 22.98 9.98 -0.83
N ALA A 83 21.64 10.10 -0.81
CA ALA A 83 20.76 9.03 -0.35
C ALA A 83 20.81 7.83 -1.27
N TRP A 84 20.81 8.07 -2.59
CA TRP A 84 20.93 7.00 -3.60
C TRP A 84 22.23 6.23 -3.60
N LYS A 85 23.33 6.96 -3.43
CA LYS A 85 24.64 6.36 -3.39
C LYS A 85 24.77 5.48 -2.13
N ALA A 86 24.25 6.00 -1.00
CA ALA A 86 24.19 5.34 0.29
C ALA A 86 23.39 4.08 0.16
N PHE A 87 22.22 4.16 -0.46
CA PHE A 87 21.36 2.98 -0.64
C PHE A 87 22.05 1.75 -1.29
N LYS A 88 22.94 1.98 -2.26
CA LYS A 88 23.61 0.89 -2.97
C LYS A 88 24.20 -0.12 -2.00
N THR A 89 24.75 0.37 -0.88
CA THR A 89 25.42 -0.46 0.10
C THR A 89 24.61 -0.64 1.37
N TRP A 90 23.82 0.34 1.77
CA TRP A 90 22.95 0.22 2.96
C TRP A 90 21.86 -0.89 2.86
N LYS A 91 21.28 -1.07 1.67
CA LYS A 91 20.35 -2.16 1.44
C LYS A 91 21.03 -3.52 1.65
N ASP A 92 22.36 -3.57 1.53
CA ASP A 92 23.11 -4.82 1.63
C ASP A 92 23.60 -5.16 3.05
N TRP A 93 23.44 -4.25 4.00
CA TRP A 93 23.78 -4.54 5.44
C TRP A 93 22.94 -5.71 5.92
N PRO A 94 23.55 -6.68 6.67
CA PRO A 94 22.70 -7.71 7.30
C PRO A 94 21.66 -6.97 8.19
N GLN A 95 20.40 -7.42 8.22
CA GLN A 95 19.40 -6.74 9.07
C GLN A 95 19.87 -6.52 10.55
N GLU A 96 20.51 -7.55 11.10
CA GLU A 96 21.12 -7.55 12.44
C GLU A 96 22.01 -6.37 12.67
N ASP A 97 22.84 -6.05 11.68
CA ASP A 97 23.70 -4.83 11.71
C ASP A 97 22.87 -3.53 11.74
N ARG A 98 21.88 -3.43 10.84
CA ARG A 98 21.01 -2.23 10.79
C ARG A 98 20.28 -2.07 12.11
N SER A 99 19.73 -3.17 12.65
CA SER A 99 18.97 -3.07 13.90
C SER A 99 19.85 -2.68 15.10
N ARG A 100 21.07 -3.25 15.22
CA ARG A 100 22.09 -2.79 16.22
C ARG A 100 22.40 -1.28 16.17
N LEU A 101 22.55 -0.73 14.95
CA LEU A 101 22.70 0.74 14.72
C LEU A 101 21.50 1.48 15.27
N LEU A 102 20.29 0.96 15.08
CA LEU A 102 19.11 1.60 15.72
C LEU A 102 19.15 1.56 17.22
N LEU A 103 19.53 0.42 17.79
CA LEU A 103 19.66 0.27 19.25
C LEU A 103 20.69 1.26 19.86
N LYS A 104 21.82 1.46 19.17
CA LYS A 104 22.83 2.43 19.60
C LYS A 104 22.16 3.82 19.61
N ALA A 105 21.48 4.15 18.52
CA ALA A 105 20.76 5.42 18.40
C ALA A 105 19.84 5.64 19.59
N ALA A 106 19.02 4.62 19.93
CA ALA A 106 18.04 4.72 21.05
C ALA A 106 18.70 4.90 22.43
N ALA A 107 19.84 4.24 22.65
CA ALA A 107 20.60 4.37 23.90
C ALA A 107 21.19 5.79 24.01
N LEU A 108 21.72 6.33 22.91
CA LEU A 108 22.17 7.73 22.87
C LEU A 108 21.00 8.72 23.15
N MET A 109 19.83 8.46 22.59
CA MET A 109 18.63 9.29 22.79
C MET A 109 18.13 9.29 24.22
N ARG A 110 18.12 8.09 24.81
CA ARG A 110 17.79 7.91 26.19
C ARG A 110 18.77 8.70 27.10
N ARG A 111 20.07 8.61 26.81
CA ARG A 111 21.06 9.32 27.61
C ARG A 111 20.91 10.84 27.52
N ARG A 112 20.23 11.32 26.48
CA ARG A 112 19.97 12.75 26.27
C ARG A 112 18.51 13.12 26.47
N LYS A 113 17.73 12.30 27.20
CA LYS A 113 16.29 12.51 27.38
C LYS A 113 15.96 13.88 27.91
N ARG A 114 16.55 14.25 29.04
CA ARG A 114 16.14 15.48 29.72
C ARG A 114 16.41 16.69 28.81
N GLU A 115 17.55 16.67 28.13
CA GLU A 115 17.91 17.75 27.23
C GLU A 115 16.89 17.87 26.06
N LEU A 116 16.50 16.72 25.54
CA LEU A 116 15.48 16.67 24.48
C LEU A 116 14.13 17.23 24.96
N GLU A 117 13.69 16.81 26.16
CA GLU A 117 12.43 17.21 26.73
C GLU A 117 12.46 18.74 26.92
N ALA A 118 13.59 19.24 27.43
CA ALA A 118 13.79 20.68 27.64
C ALA A 118 13.73 21.49 26.37
N THR A 119 14.25 20.96 25.28
CA THR A 119 14.25 21.62 24.00
C THR A 119 12.83 21.70 23.41
N LEU A 120 12.03 20.68 23.67
CA LEU A 120 10.61 20.66 23.30
C LEU A 120 9.78 21.65 24.10
N VAL A 121 10.06 21.76 25.40
CA VAL A 121 9.40 22.75 26.24
C VAL A 121 9.63 24.14 25.65
N TYR A 122 10.89 24.47 25.29
CA TYR A 122 11.17 25.84 24.76
C TYR A 122 10.77 26.05 23.29
N GLU A 123 11.01 25.05 22.44
CA GLU A 123 10.85 25.29 21.02
C GLU A 123 9.42 25.14 20.55
N VAL A 124 8.66 24.23 21.14
CA VAL A 124 7.27 24.06 20.68
C VAL A 124 6.26 24.24 21.80
N GLY A 125 6.72 24.61 23.00
CA GLY A 125 5.76 24.97 24.11
C GLY A 125 4.97 23.82 24.76
N LYS A 126 5.56 22.64 24.85
CA LYS A 126 5.02 21.53 25.62
C LYS A 126 5.29 21.71 27.12
N ASN A 127 4.35 21.25 27.96
CA ASN A 127 4.68 21.19 29.36
C ASN A 127 5.64 20.01 29.68
N TRP A 128 6.10 19.85 30.93
CA TRP A 128 7.19 18.92 31.19
C TRP A 128 6.79 17.52 30.78
N VAL A 129 5.61 17.09 31.24
CA VAL A 129 5.10 15.72 30.93
C VAL A 129 4.79 15.45 29.42
N GLU A 130 4.21 16.42 28.71
CA GLU A 130 4.05 16.23 27.27
C GLU A 130 5.42 16.07 26.59
N ALA A 131 6.44 16.80 27.07
CA ALA A 131 7.73 16.73 26.42
C ALA A 131 8.34 15.37 26.76
N SER A 132 8.17 14.91 28.01
CA SER A 132 8.64 13.59 28.35
C SER A 132 7.95 12.46 27.55
N ALA A 133 6.64 12.59 27.29
CA ALA A 133 5.90 11.56 26.57
C ALA A 133 6.37 11.46 25.13
N ASP A 134 6.71 12.62 24.57
CA ASP A 134 7.15 12.78 23.17
C ASP A 134 8.50 12.05 23.04
N VAL A 135 9.44 12.42 23.88
CA VAL A 135 10.73 11.79 23.82
C VAL A 135 10.61 10.29 24.11
N ALA A 136 9.79 9.87 25.08
CA ALA A 136 9.69 8.42 25.43
C ALA A 136 9.21 7.63 24.16
N GLU A 137 8.37 8.29 23.36
CA GLU A 137 7.72 7.74 22.19
C GLU A 137 8.74 7.62 21.07
N ALA A 138 9.60 8.61 20.95
CA ALA A 138 10.66 8.56 20.00
C ALA A 138 11.60 7.37 20.28
N ILE A 139 12.03 7.22 21.54
CA ILE A 139 12.83 6.07 21.97
C ILE A 139 12.11 4.73 21.67
N ASP A 140 10.82 4.71 21.96
CA ASP A 140 10.00 3.56 21.71
C ASP A 140 10.00 3.19 20.25
N PHE A 141 9.84 4.18 19.34
CA PHE A 141 9.83 3.86 17.88
C PHE A 141 11.11 3.10 17.46
N ILE A 142 12.27 3.58 17.91
CA ILE A 142 13.58 3.04 17.58
C ILE A 142 13.73 1.61 18.18
N GLU A 143 13.40 1.46 19.46
CA GLU A 143 13.50 0.15 20.06
C GLU A 143 12.57 -0.88 19.38
N TYR A 144 11.36 -0.46 19.07
CA TYR A 144 10.32 -1.30 18.46
C TYR A 144 10.66 -1.72 17.05
N TYR A 145 11.07 -0.75 16.25
CA TYR A 145 11.33 -0.97 14.85
C TYR A 145 12.62 -1.75 14.63
N ALA A 146 13.66 -1.47 15.41
CA ALA A 146 14.86 -2.33 15.47
C ALA A 146 14.53 -3.84 15.63
N ARG A 147 13.53 -4.12 16.47
CA ARG A 147 13.02 -5.48 16.72
C ARG A 147 12.09 -5.97 15.57
N ALA A 148 11.06 -5.20 15.26
CA ALA A 148 10.18 -5.53 14.13
C ALA A 148 10.98 -5.86 12.81
N ALA A 149 12.00 -5.08 12.48
CA ALA A 149 12.77 -5.25 11.23
C ALA A 149 13.39 -6.62 11.04
N LEU A 150 13.82 -7.27 12.13
CA LEU A 150 14.30 -8.63 12.09
C LEU A 150 13.25 -9.67 11.70
N ARG A 151 11.96 -9.38 11.87
CA ARG A 151 10.91 -10.35 11.46
C ARG A 151 10.76 -10.42 9.96
N TYR A 152 11.28 -9.38 9.26
CA TYR A 152 11.35 -9.37 7.80
C TYR A 152 12.69 -9.85 7.18
N ARG A 153 13.64 -10.32 8.01
CA ARG A 153 14.96 -10.72 7.54
C ARG A 153 14.98 -11.98 6.59
N TYR A 154 16.03 -12.02 5.78
CA TYR A 154 16.25 -12.96 4.70
C TYR A 154 16.22 -14.43 5.10
N PRO A 155 15.48 -15.27 4.33
CA PRO A 155 14.22 -15.07 3.52
C PRO A 155 12.94 -15.32 4.36
N ALA A 156 12.07 -14.28 4.48
CA ALA A 156 11.02 -14.20 5.53
C ALA A 156 9.64 -14.78 5.11
N VAL A 157 9.43 -14.87 3.80
CA VAL A 157 8.11 -15.15 3.27
C VAL A 157 7.81 -16.64 3.24
N GLU A 158 6.64 -17.00 3.78
CA GLU A 158 6.16 -18.37 3.80
C GLU A 158 5.54 -18.71 2.43
N VAL A 159 6.06 -19.74 1.75
CA VAL A 159 5.66 -20.11 0.40
C VAL A 159 5.54 -21.63 0.33
N VAL A 160 4.77 -22.12 -0.63
CA VAL A 160 4.44 -23.55 -0.81
C VAL A 160 5.58 -24.20 -1.62
N PRO A 161 6.15 -25.30 -1.09
CA PRO A 161 7.23 -25.93 -1.86
C PRO A 161 6.83 -26.60 -3.18
N TYR A 162 7.82 -26.88 -4.03
CA TYR A 162 7.56 -27.50 -5.34
C TYR A 162 8.63 -28.59 -5.56
N PRO A 163 8.25 -29.77 -6.07
CA PRO A 163 9.29 -30.79 -6.34
C PRO A 163 10.46 -30.36 -7.27
N GLY A 164 11.69 -30.67 -6.84
CA GLY A 164 12.84 -30.46 -7.71
C GLY A 164 13.34 -29.05 -7.71
N GLU A 165 12.77 -28.19 -6.85
CA GLU A 165 13.13 -26.74 -6.83
C GLU A 165 13.27 -26.15 -5.49
N ASP A 166 14.01 -25.05 -5.47
CA ASP A 166 14.05 -24.18 -4.34
C ASP A 166 13.25 -22.93 -4.70
N ASN A 167 12.27 -22.61 -3.85
CA ASN A 167 11.51 -21.38 -4.07
C ASN A 167 11.70 -20.45 -2.95
N GLU A 168 12.43 -19.37 -3.17
CA GLU A 168 12.73 -18.51 -2.02
C GLU A 168 12.21 -17.10 -2.23
N SER A 169 11.33 -16.64 -1.34
CA SER A 169 10.75 -15.28 -1.41
C SER A 169 11.30 -14.38 -0.29
N PHE A 170 11.71 -13.17 -0.66
CA PHE A 170 12.34 -12.29 0.33
C PHE A 170 12.02 -10.79 0.11
N TYR A 171 12.14 -10.01 1.19
CA TYR A 171 11.83 -8.57 1.10
C TYR A 171 13.11 -7.80 0.81
N VAL A 172 13.03 -6.76 -0.03
CA VAL A 172 14.18 -5.92 -0.31
C VAL A 172 13.70 -4.49 -0.02
N PRO A 173 14.60 -3.59 0.42
CA PRO A 173 14.06 -2.25 0.53
C PRO A 173 13.78 -1.53 -0.82
N LEU A 174 13.14 -0.35 -0.77
CA LEU A 174 12.67 0.34 -2.00
C LEU A 174 13.75 1.24 -2.65
N GLY A 175 14.43 2.04 -1.85
CA GLY A 175 15.38 3.04 -2.28
C GLY A 175 15.41 4.24 -1.36
N ALA A 176 15.58 5.43 -2.00
CA ALA A 176 15.72 6.74 -1.33
C ALA A 176 14.37 7.42 -1.37
N GLY A 177 13.89 7.84 -0.21
CA GLY A 177 12.56 8.51 -0.11
C GLY A 177 12.58 9.77 0.70
N VAL A 178 11.46 10.48 0.79
CA VAL A 178 11.45 11.71 1.60
C VAL A 178 10.43 11.63 2.75
N VAL A 179 10.83 12.15 3.92
CA VAL A 179 9.95 12.24 5.13
C VAL A 179 9.62 13.70 5.42
N ILE A 180 8.34 13.99 5.61
CA ILE A 180 7.86 15.34 5.89
C ILE A 180 7.12 15.23 7.21
N ALA A 181 7.80 15.70 8.24
CA ALA A 181 7.37 15.50 9.64
C ALA A 181 6.67 16.75 10.13
N PRO A 182 5.79 16.59 11.14
CA PRO A 182 4.93 17.59 11.78
C PRO A 182 5.67 18.31 12.89
N TRP A 183 5.15 19.45 13.37
CA TRP A 183 5.77 20.19 14.47
C TRP A 183 5.21 19.78 15.80
N ASN A 184 4.16 18.99 15.83
CA ASN A 184 3.52 18.73 17.16
C ASN A 184 4.12 17.54 17.93
N PHE A 185 4.78 16.62 17.19
CA PHE A 185 5.64 15.54 17.73
C PHE A 185 7.00 15.56 17.00
N PRO A 186 7.76 16.64 17.22
CA PRO A 186 8.91 16.77 16.39
C PRO A 186 10.10 15.95 16.88
N VAL A 187 9.97 15.22 18.00
CA VAL A 187 11.01 14.21 18.32
C VAL A 187 10.48 12.87 17.89
N ALA A 188 9.27 12.53 18.37
CA ALA A 188 8.67 11.19 18.23
C ALA A 188 8.31 10.82 16.78
N ILE A 189 7.41 11.60 16.13
CA ILE A 189 6.97 11.33 14.77
C ILE A 189 8.06 11.59 13.72
N PHE A 190 8.86 12.60 13.96
CA PHE A 190 10.04 12.81 13.18
C PHE A 190 10.94 11.57 13.20
N THR A 191 11.23 11.03 14.40
CA THR A 191 12.08 9.87 14.57
C THR A 191 11.51 8.62 13.94
N GLY A 192 10.28 8.27 14.30
CA GLY A 192 9.72 7.05 13.76
C GLY A 192 9.51 7.01 12.25
N MET A 193 9.14 8.14 11.66
CA MET A 193 8.97 8.19 10.20
C MET A 193 10.27 8.05 9.43
N ILE A 194 11.39 8.44 10.04
CA ILE A 194 12.74 8.22 9.46
C ILE A 194 13.23 6.81 9.76
N VAL A 195 13.16 6.41 11.02
CA VAL A 195 13.85 5.17 11.42
C VAL A 195 13.17 3.88 10.96
N GLY A 196 11.83 3.89 10.86
CA GLY A 196 11.09 2.76 10.22
C GLY A 196 11.62 2.43 8.81
N PRO A 197 11.47 3.38 7.86
CA PRO A 197 12.05 3.09 6.55
C PRO A 197 13.55 2.67 6.61
N VAL A 198 14.39 3.42 7.31
CA VAL A 198 15.82 3.15 7.35
C VAL A 198 16.13 1.73 7.96
N ALA A 199 15.40 1.33 9.02
CA ALA A 199 15.72 0.07 9.67
C ALA A 199 15.83 -1.07 8.66
N VAL A 200 14.92 -1.09 7.66
CA VAL A 200 14.83 -2.20 6.72
C VAL A 200 15.63 -2.01 5.44
N GLY A 201 16.39 -0.90 5.36
CA GLY A 201 17.35 -0.72 4.28
C GLY A 201 17.15 0.40 3.30
N ASN A 202 16.11 1.20 3.51
CA ASN A 202 15.90 2.44 2.79
C ASN A 202 16.81 3.59 3.27
N THR A 203 16.87 4.68 2.51
CA THR A 203 17.60 5.88 2.92
C THR A 203 16.60 7.07 2.79
N VAL A 204 16.77 8.13 3.58
CA VAL A 204 15.71 9.10 3.76
C VAL A 204 16.38 10.47 3.72
N ILE A 205 15.67 11.44 3.12
CA ILE A 205 15.96 12.89 3.26
C ILE A 205 14.83 13.38 4.10
N ALA A 206 15.09 13.96 5.28
CA ALA A 206 14.00 14.34 6.20
C ALA A 206 13.83 15.84 6.23
N LYS A 207 12.58 16.29 6.07
CA LYS A 207 12.27 17.71 6.12
C LYS A 207 11.52 17.95 7.39
N PRO A 208 12.13 18.61 8.40
CA PRO A 208 11.41 18.85 9.65
C PRO A 208 10.37 19.99 9.46
N ALA A 209 9.39 20.10 10.35
CA ALA A 209 8.47 21.20 10.33
C ALA A 209 9.21 22.49 10.69
N GLU A 210 8.81 23.62 10.10
CA GLU A 210 9.55 24.91 10.28
C GLU A 210 9.66 25.30 11.79
N ASP A 211 8.61 25.01 12.55
CA ASP A 211 8.57 25.37 14.00
C ASP A 211 9.46 24.51 14.91
N ALA A 212 10.03 23.46 14.35
CA ALA A 212 10.65 22.46 15.16
C ALA A 212 12.02 21.99 14.59
N VAL A 213 12.73 22.89 13.91
CA VAL A 213 14.00 22.59 13.22
C VAL A 213 15.18 22.35 14.16
N VAL A 214 15.14 22.97 15.34
CA VAL A 214 16.28 22.87 16.29
C VAL A 214 16.22 21.48 16.95
N VAL A 215 15.05 21.06 17.43
CA VAL A 215 14.90 19.70 18.02
C VAL A 215 15.16 18.58 16.98
N GLY A 216 14.83 18.87 15.70
CA GLY A 216 15.17 17.99 14.58
C GLY A 216 16.65 17.92 14.30
N ALA A 217 17.39 19.00 14.54
CA ALA A 217 18.83 18.97 14.40
C ALA A 217 19.47 18.15 15.51
N LYS A 218 18.89 18.15 16.71
CA LYS A 218 19.39 17.42 17.86
C LYS A 218 19.21 15.93 17.71
N VAL A 219 18.11 15.49 17.10
CA VAL A 219 17.95 14.10 16.67
C VAL A 219 19.05 13.69 15.65
N PHE A 220 19.31 14.56 14.69
CA PHE A 220 20.46 14.34 13.77
C PHE A 220 21.85 14.29 14.42
N GLU A 221 22.04 15.01 15.53
CA GLU A 221 23.28 14.88 16.31
C GLU A 221 23.38 13.45 16.82
N ILE A 222 22.23 12.91 17.23
CA ILE A 222 22.15 11.49 17.69
C ILE A 222 22.43 10.52 16.54
N PHE A 223 21.77 10.69 15.38
CA PHE A 223 22.12 9.81 14.22
C PHE A 223 23.63 9.83 13.88
N HIS A 224 24.20 11.03 13.90
CA HIS A 224 25.55 11.18 13.45
C HIS A 224 26.41 10.45 14.46
N GLU A 225 26.21 10.75 15.72
CA GLU A 225 26.93 10.01 16.78
C GLU A 225 26.78 8.47 16.75
N ALA A 226 25.56 7.97 16.49
CA ALA A 226 25.24 6.53 16.40
C ALA A 226 26.05 5.84 15.29
N GLY A 227 26.30 6.58 14.22
CA GLY A 227 27.21 6.16 13.17
C GLY A 227 26.55 5.64 11.92
N PHE A 228 25.36 6.14 11.59
CA PHE A 228 24.74 5.80 10.28
C PHE A 228 25.75 6.18 9.23
N PRO A 229 25.99 5.34 8.20
CA PRO A 229 26.87 5.73 7.10
C PRO A 229 26.35 7.01 6.32
N PRO A 230 27.27 7.72 5.64
CA PRO A 230 27.00 8.99 4.91
C PRO A 230 25.83 8.86 3.91
N GLY A 231 24.87 9.78 3.95
CA GLY A 231 23.72 9.73 3.07
C GLY A 231 22.57 8.80 3.41
N VAL A 232 22.71 7.93 4.42
CA VAL A 232 21.57 7.08 4.89
C VAL A 232 20.44 7.92 5.46
N VAL A 233 20.84 8.92 6.24
CA VAL A 233 19.86 9.90 6.81
C VAL A 233 20.39 11.34 6.53
N ASN A 234 19.45 12.17 6.08
CA ASN A 234 19.75 13.53 5.63
C ASN A 234 18.71 14.50 6.16
N PHE A 235 19.11 15.73 6.50
CA PHE A 235 18.28 16.68 7.30
C PHE A 235 18.23 18.00 6.57
N LEU A 236 17.03 18.39 6.15
CA LEU A 236 16.90 19.54 5.28
C LEU A 236 15.78 20.48 5.73
N PRO A 237 16.01 21.23 6.84
CA PRO A 237 15.09 22.34 7.13
C PRO A 237 15.05 23.31 5.96
N GLY A 238 13.88 23.87 5.72
CA GLY A 238 13.65 24.87 4.68
C GLY A 238 12.34 25.55 5.05
N VAL A 239 12.01 26.65 4.34
CA VAL A 239 10.78 27.46 4.56
C VAL A 239 9.73 27.26 3.46
N GLY A 240 8.50 27.06 3.86
CA GLY A 240 7.40 26.86 2.89
C GLY A 240 7.62 25.61 2.05
N GLU A 241 7.32 25.66 0.75
CA GLU A 241 7.22 24.43 -0.02
C GLU A 241 8.32 24.11 -1.02
N GLU A 242 9.23 25.04 -1.36
CA GLU A 242 10.30 24.69 -2.32
C GLU A 242 10.78 23.23 -2.19
N VAL A 243 11.32 22.88 -1.02
CA VAL A 243 12.12 21.67 -0.80
C VAL A 243 11.26 20.43 -0.90
N GLY A 244 10.10 20.49 -0.24
CA GLY A 244 9.17 19.38 -0.22
C GLY A 244 8.46 19.17 -1.54
N ALA A 245 8.26 20.22 -2.33
CA ALA A 245 7.55 20.03 -3.58
C ALA A 245 8.58 19.43 -4.56
N TYR A 246 9.79 19.97 -4.54
CA TYR A 246 10.89 19.47 -5.35
C TYR A 246 11.10 17.96 -5.20
N LEU A 247 11.02 17.46 -3.96
CA LEU A 247 11.31 16.04 -3.68
C LEU A 247 10.06 15.19 -3.93
N VAL A 248 8.90 15.67 -3.47
CA VAL A 248 7.63 15.01 -3.74
C VAL A 248 7.32 14.78 -5.23
N GLU A 249 7.66 15.76 -6.07
CA GLU A 249 7.44 15.63 -7.51
C GLU A 249 8.60 15.00 -8.31
N HIS A 250 9.69 14.58 -7.64
CA HIS A 250 10.96 14.26 -8.30
C HIS A 250 10.89 12.83 -8.87
N PRO A 251 11.34 12.59 -10.11
CA PRO A 251 11.25 11.21 -10.66
C PRO A 251 12.07 10.11 -9.89
N ARG A 252 13.12 10.54 -9.20
CA ARG A 252 14.04 9.65 -8.54
C ARG A 252 13.74 9.58 -7.06
N ILE A 253 12.59 10.12 -6.67
CA ILE A 253 12.16 9.99 -5.26
C ILE A 253 11.29 8.77 -5.28
N ARG A 254 11.56 7.85 -4.37
CA ARG A 254 10.94 6.49 -4.43
C ARG A 254 9.69 6.37 -3.60
N PHE A 255 9.68 6.98 -2.40
CA PHE A 255 8.51 6.97 -1.56
C PHE A 255 8.51 8.31 -0.81
N ILE A 256 7.37 8.62 -0.23
CA ILE A 256 7.06 9.83 0.57
C ILE A 256 6.23 9.41 1.78
N ASN A 257 6.72 9.79 2.96
CA ASN A 257 6.14 9.51 4.28
C ASN A 257 5.79 10.90 4.86
N PHE A 258 4.52 11.14 5.06
CA PHE A 258 4.06 12.46 5.46
C PHE A 258 3.13 12.32 6.67
N THR A 259 3.32 13.18 7.67
CA THR A 259 2.34 13.46 8.71
C THR A 259 2.07 14.97 8.82
N GLY A 260 0.80 15.37 8.82
CA GLY A 260 0.48 16.79 8.76
C GLY A 260 -0.98 17.02 8.42
N SER A 261 -1.27 18.18 7.81
CA SER A 261 -2.64 18.64 7.49
C SER A 261 -3.18 17.89 6.30
N LEU A 262 -4.51 17.84 6.24
CA LEU A 262 -5.21 17.21 5.13
C LEU A 262 -4.89 17.91 3.82
N GLU A 263 -4.87 19.23 3.86
CA GLU A 263 -4.63 20.00 2.65
C GLU A 263 -3.36 19.63 1.91
N VAL A 264 -2.28 19.43 2.67
CA VAL A 264 -0.98 19.08 2.14
C VAL A 264 -0.99 17.59 1.79
N GLY A 265 -1.57 16.78 2.66
CA GLY A 265 -1.63 15.33 2.45
C GLY A 265 -2.38 14.94 1.18
N LEU A 266 -3.34 15.77 0.76
CA LEU A 266 -4.12 15.53 -0.48
C LEU A 266 -3.38 15.90 -1.75
N LYS A 267 -2.69 17.05 -1.70
CA LYS A 267 -1.81 17.45 -2.75
C LYS A 267 -0.71 16.39 -2.91
N ILE A 268 -0.12 15.98 -1.79
CA ILE A 268 0.94 14.95 -1.82
C ILE A 268 0.51 13.63 -2.45
N TYR A 269 -0.60 13.10 -1.98
CA TYR A 269 -1.17 11.87 -2.52
C TYR A 269 -1.46 11.91 -4.04
N GLU A 270 -2.06 13.01 -4.52
CA GLU A 270 -2.30 13.23 -5.93
C GLU A 270 -1.00 13.36 -6.74
N ALA A 271 0.00 14.06 -6.20
CA ALA A 271 1.29 14.15 -6.89
C ALA A 271 2.11 12.82 -7.05
N ALA A 272 1.96 11.92 -6.06
CA ALA A 272 2.64 10.64 -6.02
C ALA A 272 2.02 9.70 -7.02
N GLY A 273 0.76 9.96 -7.38
CA GLY A 273 0.04 9.22 -8.41
C GLY A 273 0.47 9.49 -9.86
N ARG A 274 1.31 10.49 -10.08
CA ARG A 274 1.76 10.92 -11.40
C ARG A 274 3.15 10.39 -11.76
N LEU A 275 3.36 10.07 -13.02
CA LEU A 275 4.68 9.67 -13.46
C LEU A 275 5.45 10.93 -13.87
N ALA A 276 6.41 11.35 -13.05
CA ALA A 276 7.25 12.50 -13.37
C ALA A 276 8.05 12.12 -14.59
N PRO A 277 8.43 13.14 -15.40
CA PRO A 277 9.24 12.81 -16.59
C PRO A 277 10.45 11.93 -16.33
N GLY A 278 10.47 10.77 -16.97
CA GLY A 278 11.57 9.81 -16.81
C GLY A 278 11.57 8.96 -15.53
N GLN A 279 10.52 9.07 -14.73
CA GLN A 279 10.34 8.25 -13.53
C GLN A 279 10.15 6.84 -13.99
N THR A 280 10.65 5.88 -13.21
CA THR A 280 10.61 4.51 -13.68
C THR A 280 9.98 3.58 -12.69
N TRP A 281 9.09 4.06 -11.84
CA TRP A 281 8.38 3.24 -10.83
C TRP A 281 7.13 4.01 -10.45
N PHE A 282 6.24 3.29 -9.74
CA PHE A 282 5.03 3.80 -9.12
C PHE A 282 5.35 4.17 -7.67
N LYS A 283 5.37 5.47 -7.37
CA LYS A 283 5.70 6.00 -6.04
C LYS A 283 4.68 5.57 -5.03
N ARG A 284 5.14 5.27 -3.81
CA ARG A 284 4.24 5.00 -2.70
C ARG A 284 4.20 6.22 -1.81
N ALA A 285 3.01 6.53 -1.33
CA ALA A 285 2.88 7.66 -0.43
C ALA A 285 2.02 7.24 0.74
N TYR A 286 2.60 7.40 1.91
CA TYR A 286 1.99 7.14 3.20
C TYR A 286 1.73 8.50 3.88
N VAL A 287 0.45 8.82 4.05
CA VAL A 287 0.06 10.14 4.57
C VAL A 287 -0.80 9.96 5.83
N GLU A 288 -0.51 10.70 6.88
CA GLU A 288 -1.45 10.70 8.05
C GLU A 288 -1.84 12.13 8.26
N THR A 289 -3.13 12.37 8.09
CA THR A 289 -3.62 13.69 7.75
C THR A 289 -4.61 14.22 8.78
N GLY A 290 -4.52 13.74 10.02
CA GLY A 290 -5.22 14.40 11.12
C GLY A 290 -6.57 13.79 11.39
N GLY A 291 -7.33 14.40 12.32
CA GLY A 291 -8.64 13.89 12.68
C GLY A 291 -9.57 14.98 13.20
N LYS A 292 -10.85 14.62 13.39
CA LYS A 292 -11.83 15.37 14.16
C LYS A 292 -12.46 14.40 15.15
N ASP A 293 -11.74 14.16 16.24
CA ASP A 293 -11.98 13.01 17.14
C ASP A 293 -12.95 13.30 18.30
N ALA A 294 -13.76 12.29 18.63
CA ALA A 294 -14.83 12.46 19.55
C ALA A 294 -14.86 11.44 20.70
N ILE A 295 -15.36 11.90 21.83
CA ILE A 295 -15.51 11.04 22.95
C ILE A 295 -17.03 11.03 23.13
N ILE A 296 -17.59 9.83 23.23
CA ILE A 296 -19.02 9.65 23.50
C ILE A 296 -19.09 9.35 24.94
N VAL A 297 -20.08 9.94 25.65
CA VAL A 297 -20.34 9.52 27.03
C VAL A 297 -21.83 9.22 27.08
N ASP A 298 -22.19 8.04 27.59
CA ASP A 298 -23.57 7.74 27.89
C ASP A 298 -23.91 7.86 29.41
N GLU A 299 -25.21 7.92 29.72
CA GLU A 299 -25.64 8.11 31.09
C GLU A 299 -25.25 6.97 32.07
N THR A 300 -24.69 5.85 31.58
CA THR A 300 -24.19 4.76 32.45
C THR A 300 -22.73 4.94 32.89
N ALA A 301 -22.08 5.98 32.38
CA ALA A 301 -20.65 6.14 32.58
C ALA A 301 -20.28 6.60 34.01
N ASP A 302 -18.99 6.47 34.33
CA ASP A 302 -18.45 7.15 35.49
C ASP A 302 -18.20 8.59 35.04
N PHE A 303 -19.05 9.54 35.49
CA PHE A 303 -18.99 10.93 34.98
C PHE A 303 -17.70 11.71 35.37
N ASP A 304 -17.20 11.49 36.57
CA ASP A 304 -15.93 12.05 37.03
C ASP A 304 -14.74 11.41 36.31
N LEU A 305 -14.79 10.09 36.03
CA LEU A 305 -13.78 9.44 35.18
C LEU A 305 -13.82 10.10 33.80
N ALA A 306 -15.03 10.29 33.26
CA ALA A 306 -15.20 10.83 31.93
C ALA A 306 -14.69 12.26 31.80
N ALA A 307 -15.15 13.11 32.71
CA ALA A 307 -14.80 14.52 32.70
C ALA A 307 -13.25 14.69 32.71
N GLU A 308 -12.56 13.86 33.48
CA GLU A 308 -11.09 13.82 33.57
C GLU A 308 -10.45 13.53 32.20
N GLY A 309 -10.89 12.45 31.54
CA GLY A 309 -10.32 11.94 30.30
C GLY A 309 -10.55 12.89 29.14
N VAL A 310 -11.71 13.51 29.13
CA VAL A 310 -12.08 14.55 28.15
C VAL A 310 -11.14 15.77 28.29
N VAL A 311 -11.03 16.33 29.49
CA VAL A 311 -10.09 17.44 29.74
C VAL A 311 -8.64 17.13 29.28
N VAL A 312 -8.11 16.00 29.74
CA VAL A 312 -6.80 15.49 29.22
C VAL A 312 -6.73 15.39 27.65
N SER A 313 -7.71 14.70 27.04
CA SER A 313 -7.67 14.54 25.60
C SER A 313 -7.97 15.84 24.82
N ALA A 314 -8.86 16.72 25.35
CA ALA A 314 -9.16 18.02 24.70
C ALA A 314 -7.99 18.99 24.77
N TYR A 315 -7.37 19.07 25.95
CA TYR A 315 -6.40 20.14 26.34
C TYR A 315 -4.94 19.80 26.53
N GLY A 316 -4.59 18.50 26.49
CA GLY A 316 -3.18 18.06 26.43
C GLY A 316 -2.50 18.62 25.17
N PHE A 317 -1.31 19.19 25.36
CA PHE A 317 -0.55 19.97 24.33
C PHE A 317 -1.38 21.04 23.60
N GLN A 318 -2.20 21.72 24.38
CA GLN A 318 -3.08 22.80 23.92
C GLN A 318 -4.05 22.33 22.81
N GLY A 319 -4.40 21.04 22.81
CA GLY A 319 -5.29 20.46 21.78
C GLY A 319 -4.61 20.26 20.46
N GLN A 320 -3.26 20.41 20.43
CA GLN A 320 -2.50 20.35 19.18
C GLN A 320 -2.05 18.89 18.77
N LYS A 321 -3.02 17.96 18.72
CA LYS A 321 -2.74 16.57 18.50
C LYS A 321 -3.67 16.11 17.42
N CYS A 322 -3.13 15.29 16.52
CA CYS A 322 -3.92 14.57 15.54
CA CYS A 322 -4.00 14.65 15.54
C CYS A 322 -4.96 13.71 16.28
N SER A 323 -4.63 13.38 17.52
CA SER A 323 -5.50 12.54 18.33
C SER A 323 -6.44 13.21 19.38
N ALA A 324 -6.40 14.55 19.51
CA ALA A 324 -7.17 15.32 20.51
C ALA A 324 -8.69 15.13 20.41
N ALA A 325 -9.35 15.00 21.54
CA ALA A 325 -10.81 15.09 21.60
C ALA A 325 -11.26 16.54 21.29
N SER A 326 -11.72 16.79 20.06
CA SER A 326 -12.28 18.09 19.72
C SER A 326 -13.85 18.08 19.73
N ARG A 327 -14.43 16.91 19.97
CA ARG A 327 -15.87 16.76 19.98
C ARG A 327 -16.24 15.95 21.23
N LEU A 328 -17.31 16.37 21.93
CA LEU A 328 -17.83 15.70 23.12
C LEU A 328 -19.32 15.48 22.81
N ILE A 329 -19.67 14.25 22.51
CA ILE A 329 -20.99 13.86 22.05
C ILE A 329 -21.58 13.29 23.31
N LEU A 330 -22.66 13.92 23.79
CA LEU A 330 -23.23 13.57 25.08
C LEU A 330 -24.67 13.14 24.93
N THR A 331 -25.01 11.95 25.47
CA THR A 331 -26.39 11.45 25.38
C THR A 331 -27.23 12.22 26.37
N GLN A 332 -28.56 12.10 26.27
CA GLN A 332 -29.51 12.94 27.00
C GLN A 332 -29.20 12.94 28.50
N GLY A 333 -29.06 11.75 29.10
CA GLY A 333 -28.83 11.62 30.54
C GLY A 333 -27.39 11.84 31.00
N ALA A 334 -26.48 11.94 30.04
CA ALA A 334 -25.09 12.35 30.30
C ALA A 334 -24.89 13.86 30.18
N TYR A 335 -25.71 14.56 29.41
CA TYR A 335 -25.41 15.96 29.05
C TYR A 335 -25.00 16.92 30.17
N GLU A 336 -25.86 17.10 31.17
CA GLU A 336 -25.65 18.12 32.21
C GLU A 336 -24.61 17.64 33.20
N PRO A 337 -24.74 16.38 33.68
CA PRO A 337 -23.76 16.01 34.70
C PRO A 337 -22.31 15.94 34.13
N VAL A 338 -22.14 15.59 32.86
CA VAL A 338 -20.82 15.55 32.32
C VAL A 338 -20.33 16.96 31.99
N LEU A 339 -21.13 17.72 31.22
CA LEU A 339 -20.75 19.07 30.86
C LEU A 339 -20.32 19.93 32.09
N GLU A 340 -21.12 19.96 33.14
CA GLU A 340 -20.76 20.79 34.27
C GLU A 340 -19.38 20.30 34.87
N ARG A 341 -19.15 18.99 34.90
CA ARG A 341 -17.89 18.46 35.43
C ARG A 341 -16.65 18.82 34.59
N VAL A 342 -16.78 18.68 33.27
CA VAL A 342 -15.80 19.16 32.29
C VAL A 342 -15.59 20.67 32.48
N LEU A 343 -16.65 21.47 32.65
CA LEU A 343 -16.47 22.92 32.86
C LEU A 343 -15.77 23.26 34.16
N LYS A 344 -16.17 22.67 35.27
CA LYS A 344 -15.46 22.81 36.56
C LYS A 344 -13.96 22.43 36.53
N ARG A 345 -13.66 21.32 35.83
CA ARG A 345 -12.25 20.95 35.58
C ARG A 345 -11.52 21.90 34.64
N ALA A 346 -12.08 22.11 33.44
CA ALA A 346 -11.43 22.99 32.46
C ALA A 346 -11.23 24.45 32.93
N GLU A 347 -12.11 24.94 33.79
CA GLU A 347 -11.90 26.29 34.31
C GLU A 347 -10.71 26.39 35.29
N ARG A 348 -10.29 25.26 35.86
CA ARG A 348 -9.20 25.24 36.83
C ARG A 348 -7.84 25.14 36.17
N LEU A 349 -7.77 24.98 34.84
CA LEU A 349 -6.48 24.74 34.15
C LEU A 349 -5.58 25.98 34.05
N SER A 350 -4.32 25.85 34.46
CA SER A 350 -3.38 27.00 34.30
C SER A 350 -2.95 27.11 32.84
N VAL A 351 -2.71 28.32 32.39
CA VAL A 351 -2.17 28.55 31.08
C VAL A 351 -0.94 29.41 31.38
N GLY A 352 0.25 29.07 30.84
CA GLY A 352 1.40 29.96 31.01
C GLY A 352 2.65 29.49 30.28
N PRO A 353 3.77 30.18 30.50
CA PRO A 353 5.00 29.81 29.78
C PRO A 353 5.33 28.32 30.06
N ALA A 354 5.65 27.59 29.00
CA ALA A 354 5.80 26.15 29.03
C ALA A 354 6.82 25.73 30.08
N GLU A 355 7.88 26.53 30.30
CA GLU A 355 8.89 26.19 31.31
C GLU A 355 8.35 26.08 32.76
N GLU A 356 7.27 26.80 33.07
CA GLU A 356 6.68 26.77 34.39
C GLU A 356 5.94 25.47 34.63
N ASN A 357 5.91 24.58 33.62
CA ASN A 357 5.04 23.36 33.66
C ASN A 357 3.56 23.67 33.88
N PRO A 358 2.96 24.56 33.05
CA PRO A 358 1.50 24.88 33.24
C PRO A 358 0.68 23.70 32.73
N ASP A 359 -0.61 23.66 33.04
CA ASP A 359 -1.48 22.70 32.38
C ASP A 359 -1.47 22.82 30.86
N LEU A 360 -1.54 24.06 30.40
CA LEU A 360 -1.44 24.38 29.01
C LEU A 360 -0.33 25.40 28.83
N GLY A 361 0.54 25.18 27.86
CA GLY A 361 1.40 26.23 27.34
C GLY A 361 0.72 27.07 26.24
N PRO A 362 1.53 27.73 25.42
CA PRO A 362 1.12 28.49 24.23
C PRO A 362 0.84 27.60 23.03
N VAL A 363 0.07 28.10 22.01
CA VAL A 363 0.05 27.49 20.69
C VAL A 363 1.38 27.80 19.99
N VAL A 364 1.62 27.11 18.89
CA VAL A 364 2.99 26.94 18.44
C VAL A 364 3.62 28.16 17.83
N SER A 365 2.77 29.00 17.27
CA SER A 365 3.25 30.05 16.42
C SER A 365 2.19 31.11 16.33
N ALA A 366 2.61 32.23 15.76
CA ALA A 366 1.67 33.34 15.44
C ALA A 366 0.65 32.87 14.39
N GLU A 367 1.10 32.10 13.39
CA GLU A 367 0.14 31.48 12.45
C GLU A 367 -0.92 30.62 13.13
N GLN A 368 -0.51 29.70 14.01
CA GLN A 368 -1.46 28.84 14.70
C GLN A 368 -2.41 29.62 15.60
N GLU A 369 -1.90 30.67 16.21
CA GLU A 369 -2.72 31.42 17.10
C GLU A 369 -3.82 32.12 16.31
N ARG A 370 -3.44 32.75 15.18
CA ARG A 370 -4.40 33.35 14.26
C ARG A 370 -5.43 32.33 13.79
N LYS A 371 -4.96 31.16 13.34
CA LYS A 371 -5.86 30.10 12.87
C LYS A 371 -6.83 29.72 13.94
N VAL A 372 -6.35 29.50 15.16
CA VAL A 372 -7.23 29.07 16.30
C VAL A 372 -8.19 30.19 16.80
N LEU A 373 -7.67 31.40 16.97
CA LEU A 373 -8.51 32.61 17.21
C LEU A 373 -9.59 32.81 16.09
N SER A 374 -9.23 32.54 14.84
CA SER A 374 -10.22 32.62 13.78
C SER A 374 -11.32 31.54 13.87
N TYR A 375 -10.99 30.30 14.24
CA TYR A 375 -12.03 29.25 14.44
C TYR A 375 -12.96 29.49 15.61
N ILE A 376 -12.43 30.19 16.60
CA ILE A 376 -13.16 30.57 17.81
C ILE A 376 -14.18 31.66 17.43
N GLU A 377 -13.77 32.56 16.54
CA GLU A 377 -14.71 33.56 15.98
C GLU A 377 -15.87 32.83 15.29
N ILE A 378 -15.54 31.82 14.44
CA ILE A 378 -16.54 31.01 13.71
C ILE A 378 -17.44 30.25 14.70
N GLY A 379 -16.87 29.70 15.75
CA GLY A 379 -17.67 28.96 16.72
C GLY A 379 -18.65 29.84 17.48
N LYS A 380 -18.32 31.13 17.58
CA LYS A 380 -19.18 32.08 18.32
C LYS A 380 -20.50 32.28 17.60
N ASN A 381 -20.43 32.22 16.26
CA ASN A 381 -21.63 32.15 15.45
C ASN A 381 -22.27 30.73 15.31
N GLU A 382 -21.50 29.64 15.44
CA GLU A 382 -22.14 28.27 15.30
C GLU A 382 -22.61 27.61 16.58
N GLY A 383 -22.00 27.94 17.71
CA GLY A 383 -22.47 27.32 18.94
C GLY A 383 -22.48 28.35 20.04
N GLN A 384 -22.80 27.92 21.24
CA GLN A 384 -22.82 28.76 22.42
C GLN A 384 -21.44 28.72 23.13
N LEU A 385 -20.67 29.80 23.08
CA LEU A 385 -19.45 29.87 23.93
C LEU A 385 -19.77 29.85 25.42
N VAL A 386 -19.41 28.75 26.12
CA VAL A 386 -19.47 28.65 27.62
C VAL A 386 -18.14 28.63 28.43
N LEU A 387 -16.97 28.59 27.79
CA LEU A 387 -15.70 28.72 28.52
C LEU A 387 -14.64 29.34 27.59
N GLY A 388 -13.80 30.26 28.07
CA GLY A 388 -12.67 30.77 27.28
C GLY A 388 -13.04 31.66 26.09
N GLY A 389 -12.49 31.34 24.93
CA GLY A 389 -12.87 32.01 23.72
C GLY A 389 -11.95 33.15 23.38
N LYS A 390 -10.84 33.22 24.10
CA LYS A 390 -9.94 34.40 24.02
C LYS A 390 -8.48 34.11 24.24
N ARG A 391 -7.70 34.97 23.63
CA ARG A 391 -6.28 35.07 23.79
C ARG A 391 -6.04 35.64 25.19
N LEU A 392 -5.02 35.17 25.90
CA LEU A 392 -4.74 35.65 27.24
C LEU A 392 -3.67 36.68 27.13
N GLU A 393 -3.42 37.39 28.22
CA GLU A 393 -2.41 38.46 28.26
C GLU A 393 -1.00 37.88 28.21
N GLY A 394 -0.13 38.50 27.42
CA GLY A 394 1.22 38.00 27.20
C GLY A 394 1.69 38.08 25.76
N GLU A 395 3.00 38.08 25.57
CA GLU A 395 3.56 38.17 24.21
C GLU A 395 3.62 36.78 23.56
N GLY A 396 3.75 35.75 24.40
CA GLY A 396 3.66 34.35 23.99
C GLY A 396 2.23 34.02 23.52
N TYR A 397 2.06 32.89 22.83
CA TYR A 397 0.78 32.71 22.11
C TYR A 397 -0.25 31.90 22.94
N PHE A 398 -0.71 32.54 24.01
CA PHE A 398 -1.60 31.94 24.98
C PHE A 398 -3.06 32.10 24.63
N ILE A 399 -3.78 30.97 24.73
CA ILE A 399 -5.17 30.83 24.37
C ILE A 399 -5.86 30.04 25.47
N ALA A 400 -6.92 30.65 26.02
CA ALA A 400 -7.70 30.03 27.09
C ALA A 400 -8.35 28.75 26.57
N PRO A 401 -8.48 27.71 27.44
CA PRO A 401 -9.28 26.56 27.08
C PRO A 401 -10.75 26.95 26.84
N THR A 402 -11.23 26.55 25.66
CA THR A 402 -12.47 27.00 25.10
C THR A 402 -13.50 25.84 24.96
N VAL A 403 -14.75 26.11 25.36
CA VAL A 403 -15.83 25.17 25.15
C VAL A 403 -16.95 25.89 24.38
N PHE A 404 -17.38 25.27 23.30
CA PHE A 404 -18.68 25.50 22.71
C PHE A 404 -19.69 24.38 23.07
N THR A 405 -20.90 24.82 23.40
CA THR A 405 -22.01 23.88 23.59
C THR A 405 -23.10 24.11 22.55
N GLU A 406 -24.02 23.15 22.50
CA GLU A 406 -25.11 23.06 21.55
C GLU A 406 -24.63 23.18 20.09
N VAL A 407 -23.47 22.55 19.82
CA VAL A 407 -22.89 22.59 18.46
C VAL A 407 -23.68 21.65 17.55
N PRO A 408 -24.16 22.16 16.39
CA PRO A 408 -24.70 21.26 15.35
C PRO A 408 -23.61 20.34 14.80
N PRO A 409 -23.90 19.03 14.70
CA PRO A 409 -22.93 18.11 14.13
C PRO A 409 -22.31 18.53 12.81
N LYS A 410 -23.04 19.36 12.03
CA LYS A 410 -22.54 19.76 10.71
C LYS A 410 -21.89 21.14 10.66
N ALA A 411 -21.82 21.83 11.81
CA ALA A 411 -21.02 23.08 11.98
C ALA A 411 -19.56 22.97 11.56
N ARG A 412 -18.98 24.05 11.03
CA ARG A 412 -17.53 24.06 10.72
C ARG A 412 -16.67 23.57 11.90
N ILE A 413 -16.94 24.08 13.10
CA ILE A 413 -16.12 23.77 14.30
C ILE A 413 -16.38 22.32 14.84
N ALA A 414 -17.38 21.64 14.27
CA ALA A 414 -17.65 20.22 14.52
C ALA A 414 -17.24 19.33 13.34
N GLN A 415 -16.68 19.94 12.28
CA GLN A 415 -16.24 19.20 11.12
C GLN A 415 -14.78 19.37 10.84
N GLU A 416 -14.27 20.58 11.08
CA GLU A 416 -12.97 21.01 10.60
C GLU A 416 -11.98 20.99 11.77
N GLU A 417 -10.80 20.42 11.51
CA GLU A 417 -9.81 20.20 12.57
C GLU A 417 -9.18 21.53 12.96
N ILE A 418 -9.43 21.93 14.22
CA ILE A 418 -8.99 23.24 14.69
C ILE A 418 -7.51 23.26 15.16
N PHE A 419 -7.14 22.14 15.83
CA PHE A 419 -5.78 21.92 16.36
C PHE A 419 -5.41 22.98 17.42
N GLY A 420 -6.32 23.23 18.36
CA GLY A 420 -6.07 24.24 19.37
C GLY A 420 -6.98 23.88 20.51
N PRO A 421 -6.89 24.59 21.68
CA PRO A 421 -7.63 24.10 22.86
C PRO A 421 -9.11 24.49 22.77
N VAL A 422 -9.80 23.87 21.79
CA VAL A 422 -11.21 24.17 21.45
C VAL A 422 -12.06 22.87 21.38
N LEU A 423 -12.91 22.67 22.39
CA LEU A 423 -13.86 21.57 22.49
C LEU A 423 -15.32 21.92 22.08
N SER A 424 -15.92 21.14 21.18
CA SER A 424 -17.34 21.31 20.82
C SER A 424 -18.19 20.22 21.45
N VAL A 425 -19.25 20.65 22.15
CA VAL A 425 -20.16 19.74 22.82
C VAL A 425 -21.46 19.58 22.01
N ILE A 426 -21.80 18.34 21.71
CA ILE A 426 -22.90 18.02 20.81
C ILE A 426 -23.85 17.14 21.63
N ARG A 427 -25.10 17.61 21.82
CA ARG A 427 -26.10 16.82 22.52
C ARG A 427 -26.79 15.88 21.51
N VAL A 428 -27.06 14.63 21.92
CA VAL A 428 -27.74 13.61 21.05
C VAL A 428 -28.75 12.92 21.93
N LYS A 429 -29.62 12.07 21.38
CA LYS A 429 -30.65 11.45 22.20
C LYS A 429 -30.15 10.24 22.95
N ASP A 430 -29.64 9.28 22.20
CA ASP A 430 -29.22 8.00 22.73
C ASP A 430 -27.87 7.56 22.09
N PHE A 431 -27.48 6.33 22.34
CA PHE A 431 -26.19 5.82 21.93
C PHE A 431 -26.06 5.55 20.40
N ALA A 432 -27.15 5.20 19.74
CA ALA A 432 -27.23 5.07 18.27
C ALA A 432 -26.97 6.40 17.59
N GLU A 433 -27.65 7.43 18.11
CA GLU A 433 -27.45 8.80 17.63
C GLU A 433 -25.99 9.28 17.86
N ALA A 434 -25.45 8.99 19.04
CA ALA A 434 -24.03 9.21 19.36
C ALA A 434 -23.08 8.65 18.26
N LEU A 435 -23.32 7.40 17.84
CA LEU A 435 -22.49 6.77 16.78
C LEU A 435 -22.65 7.43 15.44
N GLU A 436 -23.89 7.80 15.09
CA GLU A 436 -24.09 8.47 13.81
C GLU A 436 -23.32 9.77 13.82
N VAL A 437 -23.44 10.52 14.91
CA VAL A 437 -22.70 11.81 14.99
C VAL A 437 -21.17 11.56 14.95
N ALA A 438 -20.69 10.57 15.73
CA ALA A 438 -19.28 10.25 15.80
C ALA A 438 -18.76 9.92 14.39
N ASN A 439 -19.50 9.08 13.66
CA ASN A 439 -19.08 8.61 12.32
C ASN A 439 -19.26 9.59 11.21
N ASP A 440 -20.20 10.50 11.43
CA ASP A 440 -20.48 11.52 10.42
C ASP A 440 -19.47 12.71 10.32
N THR A 441 -18.19 12.43 10.05
CA THR A 441 -17.22 13.48 9.62
C THR A 441 -16.37 12.95 8.47
N PRO A 442 -15.52 13.81 7.85
CA PRO A 442 -14.74 13.19 6.77
C PRO A 442 -13.55 12.33 7.25
N TYR A 443 -13.34 12.30 8.59
CA TYR A 443 -12.14 11.74 9.27
C TYR A 443 -12.38 10.41 10.00
N GLY A 444 -11.31 9.77 10.49
CA GLY A 444 -11.48 8.53 11.25
C GLY A 444 -10.24 8.10 12.03
N LEU A 445 -9.71 9.01 12.88
CA LEU A 445 -8.40 8.79 13.52
C LEU A 445 -8.51 8.19 14.95
N THR A 446 -8.85 8.98 15.97
CA THR A 446 -9.16 8.45 17.30
C THR A 446 -10.61 8.68 17.67
N GLY A 447 -11.06 8.08 18.77
CA GLY A 447 -12.46 8.24 19.18
C GLY A 447 -12.51 7.56 20.52
N GLY A 448 -13.43 7.93 21.40
CA GLY A 448 -13.50 7.25 22.71
C GLY A 448 -14.93 7.09 23.20
N VAL A 449 -15.16 6.17 24.08
CA VAL A 449 -16.49 5.97 24.61
C VAL A 449 -16.31 5.83 26.11
N TYR A 450 -16.98 6.71 26.87
CA TYR A 450 -17.22 6.38 28.31
C TYR A 450 -18.66 5.84 28.54
N SER A 451 -18.74 4.65 29.13
CA SER A 451 -19.98 3.87 29.32
C SER A 451 -19.62 2.68 30.17
N ARG A 452 -20.54 2.18 30.99
CA ARG A 452 -20.35 0.88 31.62
C ARG A 452 -21.25 -0.19 30.99
N LYS A 453 -22.07 0.18 30.01
CA LYS A 453 -22.91 -0.86 29.40
C LYS A 453 -22.07 -1.71 28.43
N ARG A 454 -21.88 -3.02 28.69
CA ARG A 454 -21.04 -3.84 27.80
C ARG A 454 -21.55 -3.76 26.36
N GLU A 455 -22.86 -3.78 26.17
CA GLU A 455 -23.39 -3.86 24.82
C GLU A 455 -23.10 -2.59 23.99
N HIS A 456 -22.95 -1.42 24.65
CA HIS A 456 -22.62 -0.17 24.01
C HIS A 456 -21.17 -0.13 23.62
N LEU A 457 -20.30 -0.56 24.54
CA LEU A 457 -18.84 -0.73 24.25
C LEU A 457 -18.56 -1.67 23.08
N GLU A 458 -19.17 -2.83 23.07
CA GLU A 458 -18.92 -3.79 22.02
C GLU A 458 -19.56 -3.34 20.69
N TRP A 459 -20.70 -2.62 20.77
CA TRP A 459 -21.28 -1.93 19.60
C TRP A 459 -20.32 -0.90 19.01
N ALA A 460 -19.69 -0.04 19.86
CA ALA A 460 -18.68 0.97 19.43
C ALA A 460 -17.52 0.28 18.74
N ARG A 461 -17.03 -0.79 19.38
CA ARG A 461 -15.94 -1.64 18.87
C ARG A 461 -16.14 -2.09 17.40
N ARG A 462 -17.36 -2.56 17.08
CA ARG A 462 -17.76 -2.96 15.75
C ARG A 462 -18.21 -1.80 14.83
N GLU A 463 -18.66 -0.67 15.36
CA GLU A 463 -19.22 0.41 14.50
C GLU A 463 -18.67 1.85 14.58
N PHE A 464 -17.97 2.20 15.64
CA PHE A 464 -17.38 3.53 15.80
C PHE A 464 -16.14 3.48 14.93
N HIS A 465 -16.28 4.07 13.72
CA HIS A 465 -15.36 3.84 12.59
C HIS A 465 -14.12 4.72 12.68
N VAL A 466 -13.25 4.41 13.64
CA VAL A 466 -11.98 5.16 13.86
C VAL A 466 -10.84 4.13 13.99
N GLY A 467 -9.65 4.47 13.53
CA GLY A 467 -8.53 3.49 13.60
C GLY A 467 -8.05 3.16 15.01
N ASN A 468 -8.11 4.14 15.92
CA ASN A 468 -7.75 4.00 17.33
C ASN A 468 -8.87 4.39 18.27
N LEU A 469 -9.43 3.36 18.90
CA LEU A 469 -10.64 3.49 19.71
C LEU A 469 -10.31 3.11 21.19
N TYR A 470 -10.74 3.95 22.15
CA TYR A 470 -10.35 3.72 23.58
C TYR A 470 -11.60 3.82 24.41
N PHE A 471 -11.76 2.88 25.35
CA PHE A 471 -12.93 2.84 26.20
C PHE A 471 -12.47 3.19 27.61
N ASN A 472 -13.17 4.13 28.23
CA ASN A 472 -12.94 4.51 29.62
C ASN A 472 -11.57 4.99 29.96
N ARG A 473 -11.00 5.73 29.02
CA ARG A 473 -9.70 6.35 29.22
C ARG A 473 -9.54 7.38 28.10
N LYS A 474 -8.57 8.26 28.27
CA LYS A 474 -8.20 9.24 27.29
C LYS A 474 -7.98 8.62 25.91
N ILE A 475 -8.09 9.44 24.87
CA ILE A 475 -8.02 8.97 23.48
C ILE A 475 -6.72 9.47 22.84
N THR A 476 -5.93 10.18 23.61
CA THR A 476 -4.61 10.61 23.14
C THR A 476 -3.47 9.76 23.76
N GLY A 477 -2.22 9.96 23.30
CA GLY A 477 -1.08 9.20 23.87
C GLY A 477 -0.94 7.69 23.58
N ALA A 478 -1.25 7.27 22.36
CA ALA A 478 -1.14 5.89 21.91
C ALA A 478 0.31 5.48 22.09
N LEU A 479 0.54 4.34 22.71
CA LEU A 479 1.88 3.82 22.92
C LEU A 479 2.32 2.92 21.77
N VAL A 480 3.56 3.18 21.31
CA VAL A 480 4.30 2.34 20.35
C VAL A 480 4.14 0.87 20.74
N GLY A 481 3.79 0.02 19.78
CA GLY A 481 3.69 -1.41 20.03
C GLY A 481 2.40 -1.88 20.63
N VAL A 482 1.85 -1.07 21.54
CA VAL A 482 0.60 -1.38 22.29
C VAL A 482 -0.66 -1.06 21.46
N GLN A 483 -0.69 0.14 20.89
CA GLN A 483 -1.79 0.66 20.12
C GLN A 483 -1.19 1.13 18.79
N PRO A 484 -1.13 0.22 17.78
CA PRO A 484 -0.87 0.53 16.33
C PRO A 484 -1.60 1.82 15.94
N PHE A 485 -0.87 2.83 15.52
CA PHE A 485 -1.54 4.16 15.38
C PHE A 485 -1.76 4.59 13.94
N GLY A 486 -2.99 5.02 13.59
CA GLY A 486 -3.27 5.34 12.20
C GLY A 486 -4.76 5.21 11.92
N GLY A 487 -5.24 5.91 10.88
CA GLY A 487 -6.70 6.20 10.80
C GLY A 487 -7.41 5.71 9.54
N PHE A 488 -8.72 6.00 9.47
CA PHE A 488 -9.56 5.65 8.33
C PHE A 488 -9.93 6.90 7.55
N LYS A 489 -10.52 6.72 6.37
CA LYS A 489 -11.09 7.88 5.68
C LYS A 489 -10.04 8.99 5.45
N LEU A 490 -10.33 10.29 5.69
CA LEU A 490 -9.36 11.32 5.28
C LEU A 490 -8.44 11.61 6.44
N SER A 491 -8.42 10.72 7.42
CA SER A 491 -7.33 10.72 8.40
C SER A 491 -6.07 10.10 7.81
N GLY A 492 -6.16 9.55 6.61
CA GLY A 492 -4.93 9.07 5.93
C GLY A 492 -4.99 7.67 5.38
N THR A 493 -3.80 7.11 5.13
CA THR A 493 -3.69 5.82 4.46
C THR A 493 -3.70 4.59 5.39
N ASN A 494 -3.92 4.79 6.71
CA ASN A 494 -3.93 3.67 7.70
C ASN A 494 -2.58 2.96 7.82
N ALA A 495 -1.48 3.71 7.71
CA ALA A 495 -0.14 3.15 7.83
C ALA A 495 0.09 3.11 9.30
N LYS A 496 -0.02 1.92 9.89
CA LYS A 496 -0.12 1.79 11.39
C LYS A 496 1.27 1.89 12.03
N THR A 497 1.60 3.06 12.58
CA THR A 497 2.86 3.28 13.24
C THR A 497 2.94 2.47 14.57
N GLY A 498 4.18 2.18 15.01
CA GLY A 498 4.42 1.36 16.20
C GLY A 498 3.78 -0.03 16.11
N ALA A 499 3.67 -0.51 14.86
CA ALA A 499 3.17 -1.85 14.60
C ALA A 499 4.05 -2.57 13.58
N LEU A 500 3.96 -3.90 13.55
CA LEU A 500 4.89 -4.67 12.72
C LEU A 500 4.59 -4.40 11.26
N ASP A 501 3.34 -4.13 10.98
CA ASP A 501 2.87 -3.83 9.63
C ASP A 501 3.44 -2.59 9.01
N TYR A 502 3.96 -1.66 9.84
CA TYR A 502 4.43 -0.39 9.30
C TYR A 502 5.60 -0.64 8.34
N LEU A 503 6.48 -1.56 8.69
CA LEU A 503 7.74 -1.74 7.95
C LEU A 503 7.59 -2.40 6.59
N ARG A 504 6.51 -3.18 6.43
CA ARG A 504 6.09 -3.81 5.17
C ARG A 504 5.82 -2.75 4.10
N LEU A 505 5.38 -1.55 4.49
CA LEU A 505 5.10 -0.45 3.56
C LEU A 505 6.34 0.04 2.82
N PHE A 506 7.51 -0.24 3.40
CA PHE A 506 8.75 0.23 2.85
C PHE A 506 9.60 -0.90 2.25
N LEU A 507 8.99 -2.02 1.86
CA LEU A 507 9.75 -3.15 1.32
C LEU A 507 9.03 -3.64 0.11
N GLU A 508 9.73 -4.20 -0.87
CA GLU A 508 9.05 -4.97 -1.91
C GLU A 508 9.50 -6.45 -1.83
N MET A 509 8.80 -7.37 -2.48
CA MET A 509 9.15 -8.81 -2.41
C MET A 509 9.64 -9.36 -3.74
N LYS A 510 10.66 -10.23 -3.68
CA LYS A 510 11.20 -10.91 -4.81
C LYS A 510 11.02 -12.42 -4.53
N ALA A 511 10.62 -13.17 -5.56
CA ALA A 511 10.49 -14.62 -5.54
C ALA A 511 11.52 -15.19 -6.49
N VAL A 512 12.42 -16.03 -5.98
CA VAL A 512 13.46 -16.60 -6.82
C VAL A 512 13.36 -18.14 -6.77
N ALA A 513 13.20 -18.76 -7.94
CA ALA A 513 13.14 -20.24 -8.12
C ALA A 513 14.40 -20.80 -8.76
N GLU A 514 14.95 -21.85 -8.21
CA GLU A 514 16.00 -22.55 -8.88
C GLU A 514 15.50 -23.94 -9.17
N ARG A 515 15.37 -24.29 -10.45
CA ARG A 515 15.13 -25.71 -10.76
C ARG A 515 16.47 -26.51 -10.81
N PHE A 516 16.64 -27.50 -9.94
CA PHE A 516 17.92 -28.21 -9.83
C PHE A 516 18.22 -29.27 -10.91
N MET B 1 -12.21 -23.68 11.11
CA MET B 1 -12.40 -24.65 9.97
C MET B 1 -11.07 -25.40 9.58
N THR B 2 -11.16 -26.73 9.29
CA THR B 2 -10.00 -27.57 8.90
C THR B 2 -10.13 -28.34 7.59
N VAL B 3 -9.24 -27.98 6.64
CA VAL B 3 -9.19 -28.54 5.32
C VAL B 3 -7.74 -29.07 5.07
N GLU B 4 -7.54 -29.79 3.96
CA GLU B 4 -6.24 -30.29 3.65
C GLU B 4 -5.27 -29.16 3.42
N PRO B 5 -3.96 -29.36 3.76
CA PRO B 5 -2.91 -28.38 3.42
C PRO B 5 -3.02 -28.03 1.93
N PHE B 6 -2.90 -26.75 1.60
CA PHE B 6 -2.92 -26.30 0.21
C PHE B 6 -2.04 -27.17 -0.69
N ARG B 7 -2.56 -27.63 -1.83
CA ARG B 7 -1.74 -28.18 -2.93
C ARG B 7 -2.16 -27.48 -4.20
N ASN B 8 -1.25 -27.28 -5.16
CA ASN B 8 -1.67 -26.81 -6.48
C ASN B 8 -2.45 -27.85 -7.30
N GLU B 9 -3.41 -27.35 -8.03
CA GLU B 9 -4.27 -28.15 -8.90
C GLU B 9 -3.39 -28.67 -10.07
N PRO B 10 -3.33 -30.00 -10.23
CA PRO B 10 -2.46 -30.59 -11.25
C PRO B 10 -2.90 -30.09 -12.63
N ILE B 11 -1.97 -29.69 -13.47
CA ILE B 11 -2.28 -29.23 -14.82
C ILE B 11 -2.35 -30.46 -15.76
N GLU B 12 -3.43 -30.55 -16.51
CA GLU B 12 -3.66 -31.70 -17.38
C GLU B 12 -2.74 -31.59 -18.59
N THR B 13 -2.08 -32.70 -18.91
CA THR B 13 -1.15 -32.82 -20.02
C THR B 13 -1.82 -33.56 -21.20
N PHE B 14 -2.95 -34.26 -20.95
CA PHE B 14 -3.74 -34.94 -21.99
C PHE B 14 -2.90 -36.04 -22.69
N GLN B 15 -2.15 -36.79 -21.87
CA GLN B 15 -1.34 -37.89 -22.31
C GLN B 15 -2.15 -39.20 -22.32
N THR B 16 -3.25 -39.22 -21.59
CA THR B 16 -4.16 -40.36 -21.52
C THR B 16 -5.37 -40.27 -22.48
N GLU B 17 -5.88 -41.43 -22.86
CA GLU B 17 -7.09 -41.55 -23.64
C GLU B 17 -8.31 -40.94 -22.98
N GLU B 18 -8.50 -41.18 -21.69
CA GLU B 18 -9.65 -40.57 -20.99
C GLU B 18 -9.67 -39.01 -21.08
N ALA B 19 -8.49 -38.38 -20.92
CA ALA B 19 -8.38 -36.93 -20.88
C ALA B 19 -8.60 -36.27 -22.24
N ARG B 20 -8.01 -36.84 -23.30
CA ARG B 20 -8.27 -36.44 -24.70
C ARG B 20 -9.77 -36.60 -24.99
N ARG B 21 -10.38 -37.74 -24.61
CA ARG B 21 -11.83 -37.94 -24.78
C ARG B 21 -12.69 -36.97 -23.96
N ALA B 22 -12.24 -36.72 -22.71
CA ALA B 22 -12.93 -35.76 -21.87
C ALA B 22 -12.76 -34.36 -22.46
N MET B 23 -11.65 -34.07 -23.14
CA MET B 23 -11.53 -32.78 -23.77
C MET B 23 -12.44 -32.64 -24.98
N ARG B 24 -12.63 -33.71 -25.75
CA ARG B 24 -13.44 -33.61 -26.98
C ARG B 24 -14.93 -33.47 -26.67
N GLU B 25 -15.38 -34.17 -25.64
CA GLU B 25 -16.72 -34.05 -25.10
C GLU B 25 -17.00 -32.60 -24.65
N ALA B 26 -16.01 -31.95 -24.00
CA ALA B 26 -16.13 -30.57 -23.49
C ALA B 26 -16.06 -29.54 -24.62
N LEU B 27 -15.12 -29.69 -25.56
CA LEU B 27 -15.13 -28.87 -26.78
C LEU B 27 -16.44 -28.96 -27.56
N ARG B 28 -16.98 -30.18 -27.72
CA ARG B 28 -18.30 -30.34 -28.33
C ARG B 28 -19.42 -29.64 -27.57
N ARG B 29 -19.41 -29.72 -26.25
CA ARG B 29 -20.49 -29.08 -25.46
C ARG B 29 -20.45 -27.58 -25.62
N VAL B 30 -19.22 -27.05 -25.60
CA VAL B 30 -19.01 -25.62 -25.64
C VAL B 30 -19.51 -25.06 -26.98
N ARG B 31 -19.20 -25.75 -28.07
CA ARG B 31 -19.50 -25.17 -29.39
C ARG B 31 -20.97 -25.25 -29.75
N GLU B 32 -21.66 -26.28 -29.27
CA GLU B 32 -23.13 -26.36 -29.32
C GLU B 32 -23.80 -25.22 -28.56
N GLU B 33 -23.02 -24.51 -27.74
CA GLU B 33 -23.57 -23.40 -26.98
C GLU B 33 -23.10 -22.02 -27.44
N PHE B 34 -22.43 -21.97 -28.58
CA PHE B 34 -21.94 -20.72 -29.18
C PHE B 34 -23.11 -19.73 -29.37
N GLY B 35 -24.30 -20.29 -29.55
CA GLY B 35 -25.54 -19.47 -29.65
C GLY B 35 -26.00 -18.76 -28.36
N ARG B 36 -25.34 -19.02 -27.23
CA ARG B 36 -25.74 -18.42 -25.95
C ARG B 36 -25.53 -16.93 -25.70
N HIS B 37 -26.50 -16.35 -25.02
CA HIS B 37 -26.41 -14.98 -24.56
C HIS B 37 -26.22 -14.95 -23.02
N TYR B 38 -25.21 -14.19 -22.60
CA TYR B 38 -24.88 -14.01 -21.18
C TYR B 38 -25.13 -12.55 -20.74
N PRO B 39 -26.13 -12.34 -19.87
CA PRO B 39 -26.37 -11.02 -19.26
C PRO B 39 -25.26 -10.54 -18.26
N LEU B 40 -25.35 -9.25 -17.87
CA LEU B 40 -24.72 -8.72 -16.62
C LEU B 40 -25.17 -9.52 -15.37
N TYR B 41 -24.42 -9.44 -14.29
CA TYR B 41 -24.81 -10.08 -13.02
C TYR B 41 -24.63 -9.01 -11.97
N ILE B 42 -25.76 -8.50 -11.49
CA ILE B 42 -25.82 -7.36 -10.57
C ILE B 42 -26.79 -7.71 -9.45
N GLY B 43 -26.32 -7.66 -8.20
CA GLY B 43 -27.19 -7.87 -7.04
C GLY B 43 -27.80 -9.26 -7.01
N GLY B 44 -27.02 -10.26 -7.39
CA GLY B 44 -27.43 -11.64 -7.35
C GLY B 44 -28.39 -12.07 -8.44
N GLU B 45 -28.59 -11.24 -9.46
CA GLU B 45 -29.45 -11.63 -10.58
C GLU B 45 -28.86 -11.26 -11.95
N TRP B 46 -29.25 -12.00 -12.98
CA TRP B 46 -28.75 -11.76 -14.31
C TRP B 46 -29.60 -10.63 -14.86
N VAL B 47 -28.93 -9.62 -15.40
CA VAL B 47 -29.63 -8.45 -15.80
C VAL B 47 -29.24 -8.11 -17.22
N ASP B 48 -30.23 -8.14 -18.11
CA ASP B 48 -29.99 -7.93 -19.53
C ASP B 48 -30.04 -6.46 -19.93
N THR B 49 -29.54 -6.15 -21.12
CA THR B 49 -29.61 -4.80 -21.64
C THR B 49 -30.07 -4.93 -23.09
N LYS B 50 -30.45 -3.79 -23.68
CA LYS B 50 -30.77 -3.65 -25.11
C LYS B 50 -29.52 -3.84 -26.02
N GLU B 51 -28.47 -3.05 -25.79
CA GLU B 51 -27.17 -3.31 -26.46
C GLU B 51 -26.52 -4.67 -26.07
N ARG B 52 -25.63 -5.18 -26.94
CA ARG B 52 -24.99 -6.48 -26.74
C ARG B 52 -23.55 -6.50 -27.16
N MET B 53 -22.77 -7.42 -26.60
CA MET B 53 -21.42 -7.61 -27.07
C MET B 53 -21.30 -8.97 -27.70
N VAL B 54 -20.51 -9.00 -28.76
CA VAL B 54 -20.26 -10.20 -29.50
C VAL B 54 -18.83 -10.71 -29.21
N SER B 55 -18.70 -12.01 -29.00
CA SER B 55 -17.39 -12.61 -28.80
C SER B 55 -17.07 -13.58 -29.95
N LEU B 56 -15.93 -13.36 -30.61
CA LEU B 56 -15.51 -14.13 -31.78
C LEU B 56 -14.38 -15.12 -31.49
N ASN B 57 -14.32 -16.18 -32.30
CA ASN B 57 -13.29 -17.20 -32.17
C ASN B 57 -12.03 -16.73 -32.90
N PRO B 58 -10.91 -16.43 -32.15
CA PRO B 58 -9.68 -15.90 -32.81
C PRO B 58 -9.07 -16.83 -33.88
N SER B 59 -9.46 -18.10 -33.82
CA SER B 59 -9.02 -19.13 -34.76
C SER B 59 -9.93 -19.21 -35.99
N ALA B 60 -11.09 -18.57 -35.91
CA ALA B 60 -12.09 -18.59 -36.96
C ALA B 60 -13.02 -17.40 -36.72
N PRO B 61 -12.55 -16.16 -36.95
CA PRO B 61 -13.27 -14.97 -36.45
C PRO B 61 -14.62 -14.61 -37.10
N SER B 62 -15.02 -15.38 -38.11
CA SER B 62 -16.38 -15.33 -38.68
C SER B 62 -17.33 -16.12 -37.77
N GLU B 63 -16.77 -16.84 -36.80
CA GLU B 63 -17.60 -17.67 -35.94
C GLU B 63 -17.76 -16.98 -34.60
N VAL B 64 -19.02 -16.73 -34.20
CA VAL B 64 -19.34 -16.07 -32.91
C VAL B 64 -19.32 -17.11 -31.81
N VAL B 65 -18.59 -16.87 -30.71
CA VAL B 65 -18.61 -17.83 -29.56
C VAL B 65 -19.66 -17.55 -28.49
N GLY B 66 -20.30 -16.40 -28.60
CA GLY B 66 -21.36 -16.06 -27.69
C GLY B 66 -21.50 -14.57 -27.70
N THR B 67 -22.52 -14.07 -27.03
CA THR B 67 -22.80 -12.65 -26.92
C THR B 67 -23.14 -12.37 -25.46
N THR B 68 -22.86 -11.15 -25.02
CA THR B 68 -23.29 -10.71 -23.68
C THR B 68 -24.04 -9.36 -23.69
N ALA B 69 -24.66 -9.03 -22.55
CA ALA B 69 -25.09 -7.65 -22.25
C ALA B 69 -23.88 -6.74 -22.23
N LYS B 70 -24.17 -5.45 -22.26
CA LYS B 70 -23.24 -4.34 -22.36
C LYS B 70 -23.70 -3.33 -21.31
N ALA B 71 -22.82 -3.02 -20.35
CA ALA B 71 -23.10 -2.12 -19.23
C ALA B 71 -22.63 -0.77 -19.63
N GLY B 72 -23.29 0.27 -19.13
CA GLY B 72 -22.79 1.64 -19.27
C GLY B 72 -22.79 2.29 -17.90
N LYS B 73 -22.83 3.63 -17.85
CA LYS B 73 -22.78 4.36 -16.56
C LYS B 73 -23.87 3.91 -15.63
N ALA B 74 -25.03 3.59 -16.17
CA ALA B 74 -26.21 3.35 -15.33
C ALA B 74 -26.22 1.99 -14.65
N GLU B 75 -25.76 0.94 -15.33
CA GLU B 75 -25.62 -0.38 -14.69
C GLU B 75 -24.44 -0.39 -13.74
N ALA B 76 -23.37 0.31 -14.11
CA ALA B 76 -22.26 0.54 -13.17
C ALA B 76 -22.72 1.22 -11.86
N GLU B 77 -23.41 2.35 -11.97
CA GLU B 77 -24.01 2.94 -10.77
C GLU B 77 -24.88 1.97 -9.95
N ALA B 78 -25.71 1.21 -10.65
CA ALA B 78 -26.54 0.18 -9.99
C ALA B 78 -25.70 -0.93 -9.29
N ALA B 79 -24.54 -1.29 -9.88
CA ALA B 79 -23.75 -2.42 -9.38
C ALA B 79 -23.04 -1.87 -8.16
N LEU B 80 -22.65 -0.59 -8.26
CA LEU B 80 -21.96 0.08 -7.17
C LEU B 80 -22.90 0.15 -5.97
N GLU B 81 -24.18 0.46 -6.22
CA GLU B 81 -25.19 0.53 -5.16
C GLU B 81 -25.35 -0.82 -4.52
N ALA B 82 -25.62 -1.82 -5.35
CA ALA B 82 -25.73 -3.20 -4.89
C ALA B 82 -24.51 -3.66 -4.10
N ALA B 83 -23.29 -3.27 -4.52
CA ALA B 83 -22.05 -3.75 -3.84
C ALA B 83 -21.87 -3.17 -2.46
N TRP B 84 -22.19 -1.88 -2.30
CA TRP B 84 -22.15 -1.24 -0.95
C TRP B 84 -23.23 -1.76 0.04
N LYS B 85 -24.40 -2.11 -0.46
CA LYS B 85 -25.41 -2.65 0.42
C LYS B 85 -25.04 -4.04 0.89
N ALA B 86 -24.48 -4.84 -0.03
CA ALA B 86 -23.95 -6.16 0.30
C ALA B 86 -22.87 -6.07 1.40
N PHE B 87 -21.96 -5.09 1.26
CA PHE B 87 -20.74 -4.94 2.10
C PHE B 87 -21.11 -4.79 3.55
N LYS B 88 -22.15 -4.00 3.78
CA LYS B 88 -22.69 -3.76 5.14
C LYS B 88 -22.92 -5.05 5.99
N THR B 89 -23.35 -6.13 5.35
CA THR B 89 -23.54 -7.40 6.05
C THR B 89 -22.44 -8.40 5.75
N TRP B 90 -21.91 -8.42 4.52
CA TRP B 90 -20.81 -9.35 4.13
C TRP B 90 -19.49 -9.15 4.95
N LYS B 91 -19.18 -7.92 5.31
CA LYS B 91 -18.07 -7.62 6.23
C LYS B 91 -18.18 -8.32 7.60
N ASP B 92 -19.38 -8.81 7.93
CA ASP B 92 -19.65 -9.30 9.28
C ASP B 92 -19.78 -10.82 9.30
N TRP B 93 -19.69 -11.47 8.14
CA TRP B 93 -19.70 -12.90 8.10
C TRP B 93 -18.45 -13.30 8.91
N PRO B 94 -18.56 -14.36 9.74
CA PRO B 94 -17.31 -14.87 10.28
C PRO B 94 -16.42 -15.25 9.11
N GLN B 95 -15.11 -15.02 9.23
CA GLN B 95 -14.17 -15.44 8.21
C GLN B 95 -14.36 -16.92 7.75
N GLU B 96 -14.55 -17.81 8.70
CA GLU B 96 -14.81 -19.21 8.40
C GLU B 96 -15.96 -19.45 7.43
N ASP B 97 -17.02 -18.65 7.52
CA ASP B 97 -18.12 -18.74 6.55
C ASP B 97 -17.73 -18.24 5.16
N ARG B 98 -16.99 -17.13 5.07
CA ARG B 98 -16.56 -16.54 3.79
C ARG B 98 -15.59 -17.49 3.08
N SER B 99 -14.74 -18.17 3.88
CA SER B 99 -13.73 -19.05 3.39
C SER B 99 -14.36 -20.31 2.86
N ARG B 100 -15.33 -20.88 3.59
CA ARG B 100 -16.13 -21.98 3.06
C ARG B 100 -16.91 -21.65 1.74
N LEU B 101 -17.44 -20.44 1.59
CA LEU B 101 -18.05 -20.04 0.32
C LEU B 101 -17.04 -20.16 -0.82
N LEU B 102 -15.80 -19.74 -0.55
CA LEU B 102 -14.73 -19.80 -1.56
C LEU B 102 -14.39 -21.23 -1.92
N LEU B 103 -14.27 -22.08 -0.89
CA LEU B 103 -13.96 -23.50 -1.09
C LEU B 103 -15.07 -24.17 -1.92
N LYS B 104 -16.31 -23.85 -1.63
CA LYS B 104 -17.46 -24.30 -2.44
C LYS B 104 -17.31 -23.91 -3.95
N ALA B 105 -16.95 -22.65 -4.19
CA ALA B 105 -16.75 -22.06 -5.54
C ALA B 105 -15.65 -22.78 -6.28
N ALA B 106 -14.60 -23.18 -5.55
CA ALA B 106 -13.47 -23.95 -6.08
C ALA B 106 -13.85 -25.33 -6.51
N ALA B 107 -14.62 -26.03 -5.70
CA ALA B 107 -15.18 -27.33 -6.06
C ALA B 107 -16.12 -27.29 -7.26
N LEU B 108 -16.98 -26.27 -7.42
CA LEU B 108 -17.77 -26.07 -8.68
C LEU B 108 -16.88 -25.87 -9.89
N MET B 109 -15.86 -25.03 -9.72
CA MET B 109 -14.89 -24.76 -10.77
C MET B 109 -14.07 -26.01 -11.18
N ARG B 110 -13.62 -26.81 -10.21
CA ARG B 110 -12.97 -28.12 -10.50
C ARG B 110 -13.91 -29.09 -11.23
N ARG B 111 -15.20 -29.17 -10.83
CA ARG B 111 -16.17 -30.03 -11.56
C ARG B 111 -16.51 -29.54 -12.95
N ARG B 112 -16.21 -28.28 -13.24
CA ARG B 112 -16.49 -27.73 -14.57
C ARG B 112 -15.24 -27.39 -15.34
N LYS B 113 -14.15 -28.07 -15.00
CA LYS B 113 -12.77 -27.80 -15.51
C LYS B 113 -12.66 -27.86 -17.02
N ARG B 114 -13.07 -28.97 -17.61
CA ARG B 114 -12.94 -29.15 -19.05
C ARG B 114 -13.80 -28.14 -19.79
N GLU B 115 -15.01 -27.88 -19.32
CA GLU B 115 -15.86 -26.86 -20.01
C GLU B 115 -15.15 -25.46 -20.11
N LEU B 116 -14.57 -25.00 -18.99
CA LEU B 116 -13.87 -23.72 -18.93
C LEU B 116 -12.64 -23.75 -19.82
N GLU B 117 -11.84 -24.81 -19.73
CA GLU B 117 -10.71 -24.99 -20.63
C GLU B 117 -11.13 -24.88 -22.06
N ALA B 118 -12.18 -25.61 -22.46
CA ALA B 118 -12.68 -25.58 -23.83
C ALA B 118 -13.16 -24.19 -24.18
N THR B 119 -13.69 -23.42 -23.21
CA THR B 119 -14.12 -22.01 -23.50
C THR B 119 -12.91 -21.10 -23.76
N LEU B 120 -11.87 -21.27 -22.98
CA LEU B 120 -10.59 -20.61 -23.26
C LEU B 120 -10.01 -20.97 -24.64
N VAL B 121 -10.05 -22.23 -25.05
CA VAL B 121 -9.57 -22.65 -26.37
C VAL B 121 -10.28 -21.87 -27.49
N TYR B 122 -11.60 -21.93 -27.50
CA TYR B 122 -12.41 -21.19 -28.54
C TYR B 122 -12.55 -19.68 -28.42
N GLU B 123 -12.53 -19.16 -27.20
CA GLU B 123 -12.72 -17.71 -27.02
C GLU B 123 -11.44 -16.87 -27.13
N VAL B 124 -10.29 -17.37 -26.64
CA VAL B 124 -9.07 -16.59 -26.61
C VAL B 124 -7.87 -17.32 -27.25
N GLY B 125 -8.13 -18.49 -27.84
CA GLY B 125 -7.12 -19.16 -28.67
C GLY B 125 -5.95 -19.84 -27.94
N LYS B 126 -6.22 -20.37 -26.74
CA LYS B 126 -5.22 -21.08 -25.98
C LYS B 126 -5.17 -22.50 -26.47
N ASN B 127 -3.99 -23.10 -26.63
CA ASN B 127 -3.97 -24.56 -26.88
C ASN B 127 -4.48 -25.30 -25.60
N TRP B 128 -4.51 -26.65 -25.57
CA TRP B 128 -5.20 -27.37 -24.51
C TRP B 128 -4.50 -27.34 -23.16
N VAL B 129 -3.17 -27.53 -23.15
CA VAL B 129 -2.36 -27.27 -21.92
C VAL B 129 -2.32 -25.80 -21.39
N GLU B 130 -2.26 -24.81 -22.28
CA GLU B 130 -2.37 -23.44 -21.78
C GLU B 130 -3.69 -23.19 -21.10
N ALA B 131 -4.76 -23.63 -21.72
CA ALA B 131 -6.10 -23.50 -21.13
C ALA B 131 -6.15 -24.23 -19.74
N SER B 132 -5.66 -25.45 -19.69
CA SER B 132 -5.71 -26.20 -18.42
C SER B 132 -4.83 -25.57 -17.31
N ALA B 133 -3.73 -24.91 -17.65
CA ALA B 133 -2.89 -24.21 -16.71
C ALA B 133 -3.62 -23.04 -16.09
N ASP B 134 -4.42 -22.36 -16.93
CA ASP B 134 -5.18 -21.10 -16.66
C ASP B 134 -6.33 -21.41 -15.69
N VAL B 135 -7.16 -22.38 -16.05
CA VAL B 135 -8.19 -22.90 -15.12
C VAL B 135 -7.61 -23.47 -13.80
N ALA B 136 -6.59 -24.30 -13.89
CA ALA B 136 -5.93 -24.77 -12.66
C ALA B 136 -5.43 -23.59 -11.76
N GLU B 137 -4.88 -22.52 -12.36
CA GLU B 137 -4.43 -21.35 -11.60
C GLU B 137 -5.58 -20.63 -10.95
N ALA B 138 -6.77 -20.59 -11.60
CA ALA B 138 -7.95 -19.96 -11.00
C ALA B 138 -8.35 -20.74 -9.79
N ILE B 139 -8.38 -22.08 -9.90
CA ILE B 139 -8.74 -22.96 -8.75
C ILE B 139 -7.77 -22.77 -7.59
N ASP B 140 -6.47 -22.76 -7.88
CA ASP B 140 -5.43 -22.42 -6.93
C ASP B 140 -5.70 -21.09 -6.23
N PHE B 141 -6.04 -20.01 -6.95
CA PHE B 141 -6.32 -18.69 -6.27
C PHE B 141 -7.51 -18.83 -5.26
N ILE B 142 -8.48 -19.63 -5.57
CA ILE B 142 -9.71 -19.72 -4.70
C ILE B 142 -9.37 -20.51 -3.47
N GLU B 143 -8.77 -21.71 -3.68
CA GLU B 143 -8.16 -22.53 -2.62
C GLU B 143 -7.05 -21.78 -1.79
N TYR B 144 -6.08 -21.10 -2.42
CA TYR B 144 -5.06 -20.41 -1.66
C TYR B 144 -5.68 -19.31 -0.77
N TYR B 145 -6.45 -18.42 -1.40
CA TYR B 145 -7.01 -17.28 -0.66
C TYR B 145 -8.02 -17.69 0.38
N ALA B 146 -8.87 -18.70 0.13
CA ALA B 146 -9.77 -19.18 1.21
C ALA B 146 -8.99 -19.47 2.53
N ARG B 147 -7.86 -20.18 2.38
CA ARG B 147 -6.97 -20.53 3.49
C ARG B 147 -6.18 -19.32 4.02
N ALA B 148 -5.67 -18.48 3.11
CA ALA B 148 -4.85 -17.34 3.51
C ALA B 148 -5.65 -16.33 4.31
N ALA B 149 -6.93 -16.08 3.92
CA ALA B 149 -7.84 -15.20 4.67
C ALA B 149 -7.96 -15.45 6.19
N LEU B 150 -7.82 -16.71 6.57
CA LEU B 150 -8.10 -17.14 7.92
C LEU B 150 -6.96 -16.77 8.84
N ARG B 151 -5.76 -16.56 8.25
CA ARG B 151 -4.58 -16.06 8.98
C ARG B 151 -4.81 -14.63 9.40
N TYR B 152 -5.81 -13.99 8.79
CA TYR B 152 -6.15 -12.60 9.11
C TYR B 152 -7.34 -12.41 10.11
N ARG B 153 -7.96 -13.50 10.54
CA ARG B 153 -9.22 -13.49 11.25
C ARG B 153 -9.13 -12.85 12.68
N TYR B 154 -10.30 -12.49 13.20
CA TYR B 154 -10.45 -11.69 14.41
C TYR B 154 -9.91 -12.43 15.61
N PRO B 155 -9.06 -11.78 16.44
CA PRO B 155 -8.19 -10.58 16.30
C PRO B 155 -6.74 -10.96 15.98
N ALA B 156 -6.32 -10.72 14.74
CA ALA B 156 -5.09 -11.28 14.22
C ALA B 156 -3.80 -10.53 14.65
N VAL B 157 -3.91 -9.24 15.03
CA VAL B 157 -2.69 -8.45 15.20
C VAL B 157 -1.97 -8.74 16.53
N GLU B 158 -0.66 -8.97 16.44
CA GLU B 158 0.25 -9.09 17.56
C GLU B 158 0.66 -7.74 18.15
N VAL B 159 0.26 -7.49 19.40
CA VAL B 159 0.51 -6.20 20.08
C VAL B 159 1.12 -6.44 21.48
N VAL B 160 1.72 -5.37 22.02
CA VAL B 160 2.34 -5.39 23.35
C VAL B 160 1.26 -5.10 24.41
N PRO B 161 1.12 -5.99 25.44
CA PRO B 161 0.17 -5.64 26.52
C PRO B 161 0.49 -4.38 27.30
N TYR B 162 -0.50 -3.89 28.02
CA TYR B 162 -0.25 -2.80 28.91
C TYR B 162 -1.01 -3.14 30.15
N PRO B 163 -0.48 -2.82 31.37
CA PRO B 163 -1.22 -3.18 32.62
C PRO B 163 -2.61 -2.52 32.73
N GLY B 164 -3.60 -3.31 33.14
CA GLY B 164 -4.96 -2.76 33.38
C GLY B 164 -5.79 -2.52 32.13
N GLU B 165 -5.34 -3.02 30.99
CA GLU B 165 -6.04 -2.77 29.78
C GLU B 165 -6.08 -3.99 28.96
N ASP B 166 -7.18 -4.10 28.19
CA ASP B 166 -7.22 -4.98 27.04
C ASP B 166 -6.93 -4.15 25.79
N ASN B 167 -5.87 -4.54 25.07
CA ASN B 167 -5.51 -4.00 23.77
C ASN B 167 -5.70 -5.04 22.65
N GLU B 168 -6.69 -4.79 21.77
CA GLU B 168 -7.05 -5.67 20.67
C GLU B 168 -6.93 -4.98 19.33
N SER B 169 -6.01 -5.46 18.48
CA SER B 169 -5.96 -4.95 17.14
C SER B 169 -6.49 -6.00 16.16
N PHE B 170 -7.17 -5.54 15.11
CA PHE B 170 -7.77 -6.46 14.14
C PHE B 170 -8.01 -5.78 12.76
N TYR B 171 -8.18 -6.62 11.74
CA TYR B 171 -8.33 -6.21 10.36
C TYR B 171 -9.82 -6.12 9.97
N VAL B 172 -10.20 -5.09 9.21
CA VAL B 172 -11.52 -5.00 8.70
C VAL B 172 -11.39 -4.78 7.19
N PRO B 173 -12.37 -5.24 6.39
CA PRO B 173 -12.30 -4.98 4.94
C PRO B 173 -12.53 -3.51 4.57
N LEU B 174 -12.15 -3.14 3.35
CA LEU B 174 -12.17 -1.74 2.90
C LEU B 174 -13.56 -1.32 2.48
N GLY B 175 -14.23 -2.14 1.67
CA GLY B 175 -15.48 -1.68 1.07
C GLY B 175 -15.71 -2.25 -0.31
N ALA B 176 -16.28 -1.43 -1.20
CA ALA B 176 -16.66 -1.93 -2.52
C ALA B 176 -15.59 -1.40 -3.46
N GLY B 177 -15.10 -2.26 -4.33
CA GLY B 177 -14.06 -1.85 -5.26
C GLY B 177 -14.27 -2.40 -6.62
N VAL B 178 -13.42 -1.99 -7.54
CA VAL B 178 -13.54 -2.45 -8.92
C VAL B 178 -12.30 -3.23 -9.40
N VAL B 179 -12.57 -4.32 -10.11
CA VAL B 179 -11.53 -5.21 -10.66
C VAL B 179 -11.59 -4.98 -12.18
N ILE B 180 -10.45 -4.67 -12.80
CA ILE B 180 -10.39 -4.57 -14.23
C ILE B 180 -9.39 -5.64 -14.73
N ALA B 181 -9.92 -6.73 -15.30
CA ALA B 181 -9.17 -7.97 -15.58
C ALA B 181 -8.66 -8.06 -17.02
N PRO B 182 -7.61 -8.89 -17.26
CA PRO B 182 -7.05 -8.88 -18.61
C PRO B 182 -7.69 -10.01 -19.45
N TRP B 183 -7.51 -9.99 -20.77
CA TRP B 183 -8.01 -11.08 -21.63
C TRP B 183 -7.01 -12.27 -21.69
N ASN B 184 -5.79 -12.10 -21.21
CA ASN B 184 -4.82 -13.17 -21.47
C ASN B 184 -4.89 -14.33 -20.43
N PHE B 185 -5.36 -14.01 -19.23
CA PHE B 185 -5.72 -14.97 -18.20
C PHE B 185 -7.11 -14.60 -17.74
N PRO B 186 -8.11 -14.85 -18.63
CA PRO B 186 -9.47 -14.44 -18.30
C PRO B 186 -10.26 -15.37 -17.40
N VAL B 187 -9.63 -16.47 -16.95
CA VAL B 187 -10.24 -17.25 -15.83
C VAL B 187 -9.39 -17.05 -14.58
N ALA B 188 -8.06 -17.28 -14.66
CA ALA B 188 -7.17 -17.24 -13.50
C ALA B 188 -7.05 -15.86 -12.91
N ILE B 189 -6.56 -14.90 -13.69
CA ILE B 189 -6.34 -13.55 -13.11
C ILE B 189 -7.70 -12.88 -12.74
N PHE B 190 -8.67 -12.95 -13.64
CA PHE B 190 -10.08 -12.63 -13.36
C PHE B 190 -10.55 -13.17 -12.00
N THR B 191 -10.40 -14.47 -11.74
CA THR B 191 -10.86 -15.08 -10.50
C THR B 191 -10.00 -14.61 -9.31
N GLY B 192 -8.69 -14.65 -9.44
CA GLY B 192 -7.83 -14.16 -8.35
C GLY B 192 -8.12 -12.73 -7.90
N MET B 193 -8.26 -11.81 -8.87
CA MET B 193 -8.41 -10.39 -8.55
C MET B 193 -9.75 -10.10 -7.83
N ILE B 194 -10.74 -10.96 -8.05
CA ILE B 194 -12.07 -10.81 -7.48
C ILE B 194 -12.15 -11.51 -6.12
N VAL B 195 -11.67 -12.75 -6.07
CA VAL B 195 -11.91 -13.57 -4.85
C VAL B 195 -11.01 -13.23 -3.69
N GLY B 196 -9.81 -12.67 -3.99
CA GLY B 196 -8.86 -12.23 -2.93
C GLY B 196 -9.52 -11.14 -2.07
N PRO B 197 -9.94 -10.02 -2.71
CA PRO B 197 -10.64 -8.97 -2.00
C PRO B 197 -11.88 -9.46 -1.27
N VAL B 198 -12.75 -10.21 -1.96
CA VAL B 198 -13.99 -10.83 -1.43
C VAL B 198 -13.81 -11.81 -0.25
N ALA B 199 -12.81 -12.68 -0.31
CA ALA B 199 -12.50 -13.55 0.80
C ALA B 199 -12.50 -12.81 2.15
N VAL B 200 -11.88 -11.65 2.21
CA VAL B 200 -11.76 -10.91 3.46
C VAL B 200 -12.86 -9.84 3.72
N GLY B 201 -13.96 -9.85 2.98
CA GLY B 201 -15.15 -9.03 3.29
C GLY B 201 -15.41 -7.78 2.46
N ASN B 202 -14.57 -7.53 1.44
CA ASN B 202 -14.81 -6.55 0.42
C ASN B 202 -15.90 -7.02 -0.53
N THR B 203 -16.49 -6.08 -1.28
CA THR B 203 -17.40 -6.44 -2.39
C THR B 203 -16.80 -5.92 -3.68
N VAL B 204 -17.16 -6.53 -4.79
CA VAL B 204 -16.41 -6.30 -5.99
C VAL B 204 -17.31 -6.09 -7.19
N ILE B 205 -16.93 -5.18 -8.07
CA ILE B 205 -17.56 -5.06 -9.40
C ILE B 205 -16.50 -5.42 -10.40
N ALA B 206 -16.76 -6.47 -11.18
CA ALA B 206 -15.76 -6.99 -12.14
C ALA B 206 -16.10 -6.60 -13.56
N LYS B 207 -15.18 -5.92 -14.25
CA LYS B 207 -15.28 -5.69 -15.67
C LYS B 207 -14.26 -6.60 -16.39
N PRO B 208 -14.75 -7.57 -17.19
CA PRO B 208 -13.84 -8.50 -17.88
C PRO B 208 -13.27 -7.78 -19.10
N ALA B 209 -12.19 -8.29 -19.71
CA ALA B 209 -11.65 -7.73 -20.96
C ALA B 209 -12.67 -8.10 -22.06
N GLU B 210 -12.87 -7.25 -23.07
CA GLU B 210 -13.88 -7.48 -24.13
C GLU B 210 -13.61 -8.83 -24.84
N ASP B 211 -12.32 -9.22 -24.92
CA ASP B 211 -11.96 -10.41 -25.75
C ASP B 211 -12.38 -11.71 -25.03
N ALA B 212 -12.86 -11.59 -23.81
CA ALA B 212 -13.03 -12.76 -22.97
C ALA B 212 -14.24 -12.64 -22.04
N VAL B 213 -15.28 -12.01 -22.54
CA VAL B 213 -16.50 -11.79 -21.75
C VAL B 213 -17.28 -13.09 -21.53
N VAL B 214 -17.25 -14.01 -22.51
CA VAL B 214 -18.00 -15.30 -22.38
C VAL B 214 -17.38 -16.18 -21.26
N VAL B 215 -16.06 -16.39 -21.26
CA VAL B 215 -15.54 -17.17 -20.13
C VAL B 215 -15.73 -16.46 -18.72
N GLY B 216 -15.60 -15.12 -18.66
CA GLY B 216 -15.97 -14.36 -17.45
C GLY B 216 -17.37 -14.68 -17.00
N ALA B 217 -18.34 -14.66 -17.92
CA ALA B 217 -19.74 -14.94 -17.58
C ALA B 217 -19.87 -16.32 -16.95
N LYS B 218 -19.05 -17.27 -17.41
CA LYS B 218 -19.19 -18.66 -16.95
C LYS B 218 -18.60 -18.82 -15.56
N VAL B 219 -17.66 -17.94 -15.24
CA VAL B 219 -17.11 -17.87 -13.89
C VAL B 219 -18.17 -17.27 -12.95
N PHE B 220 -18.92 -16.29 -13.43
CA PHE B 220 -20.08 -15.81 -12.65
C PHE B 220 -21.17 -16.85 -12.45
N GLU B 221 -21.31 -17.79 -13.38
CA GLU B 221 -22.28 -18.88 -13.19
C GLU B 221 -21.89 -19.70 -11.97
N ILE B 222 -20.59 -19.94 -11.85
CA ILE B 222 -20.02 -20.55 -10.66
C ILE B 222 -20.31 -19.72 -9.41
N PHE B 223 -20.05 -18.40 -9.45
CA PHE B 223 -20.21 -17.56 -8.27
C PHE B 223 -21.65 -17.66 -7.79
N HIS B 224 -22.54 -17.57 -8.77
CA HIS B 224 -23.96 -17.59 -8.54
C HIS B 224 -24.41 -18.90 -7.89
N GLU B 225 -23.94 -20.03 -8.40
CA GLU B 225 -24.40 -21.31 -7.92
C GLU B 225 -23.84 -21.66 -6.53
N ALA B 226 -22.60 -21.24 -6.24
CA ALA B 226 -21.94 -21.37 -4.93
C ALA B 226 -22.65 -20.58 -3.84
N GLY B 227 -23.35 -19.53 -4.20
CA GLY B 227 -24.19 -18.84 -3.25
C GLY B 227 -23.69 -17.50 -2.71
N PHE B 228 -22.87 -16.75 -3.44
CA PHE B 228 -22.44 -15.46 -2.88
C PHE B 228 -23.70 -14.62 -2.67
N PRO B 229 -23.85 -13.98 -1.50
CA PRO B 229 -24.97 -13.07 -1.29
C PRO B 229 -25.10 -12.03 -2.38
N PRO B 230 -26.36 -11.60 -2.65
CA PRO B 230 -26.59 -10.56 -3.65
C PRO B 230 -25.76 -9.29 -3.36
N GLY B 231 -25.05 -8.83 -4.38
CA GLY B 231 -24.22 -7.64 -4.31
C GLY B 231 -22.71 -7.87 -4.11
N VAL B 232 -22.32 -9.06 -3.62
CA VAL B 232 -20.91 -9.32 -3.22
C VAL B 232 -19.98 -9.33 -4.41
N VAL B 233 -20.44 -9.93 -5.51
CA VAL B 233 -19.67 -9.97 -6.77
C VAL B 233 -20.63 -9.57 -7.89
N ASN B 234 -20.17 -8.73 -8.79
CA ASN B 234 -21.03 -8.26 -9.87
C ASN B 234 -20.20 -8.29 -11.11
N PHE B 235 -20.88 -8.52 -12.24
CA PHE B 235 -20.24 -8.74 -13.52
C PHE B 235 -20.73 -7.70 -14.50
N LEU B 236 -19.83 -6.82 -15.00
CA LEU B 236 -20.16 -5.75 -15.96
C LEU B 236 -19.32 -5.75 -17.22
N PRO B 237 -19.63 -6.64 -18.18
CA PRO B 237 -19.06 -6.48 -19.51
C PRO B 237 -19.41 -5.12 -20.16
N GLY B 238 -18.41 -4.49 -20.78
CA GLY B 238 -18.63 -3.20 -21.41
C GLY B 238 -17.70 -3.04 -22.58
N VAL B 239 -18.02 -2.11 -23.48
CA VAL B 239 -17.10 -1.69 -24.54
C VAL B 239 -16.35 -0.37 -24.27
N GLY B 240 -15.04 -0.42 -24.37
CA GLY B 240 -14.32 0.82 -24.31
C GLY B 240 -14.07 1.22 -22.86
N GLU B 241 -13.80 2.51 -22.69
CA GLU B 241 -13.38 3.02 -21.40
C GLU B 241 -14.53 3.59 -20.58
N GLU B 242 -15.79 3.39 -21.00
CA GLU B 242 -16.93 4.03 -20.27
C GLU B 242 -17.08 3.55 -18.83
N VAL B 243 -17.15 2.24 -18.69
CA VAL B 243 -17.52 1.60 -17.45
C VAL B 243 -16.39 1.75 -16.42
N GLY B 244 -15.16 1.51 -16.86
CA GLY B 244 -14.00 1.54 -16.01
C GLY B 244 -13.56 2.95 -15.69
N ALA B 245 -13.70 3.87 -16.63
CA ALA B 245 -13.46 5.31 -16.35
C ALA B 245 -14.40 5.83 -15.32
N TYR B 246 -15.71 5.54 -15.49
CA TYR B 246 -16.77 5.92 -14.56
C TYR B 246 -16.39 5.48 -13.15
N LEU B 247 -16.05 4.22 -13.01
CA LEU B 247 -15.88 3.64 -11.69
C LEU B 247 -14.52 3.97 -11.02
N VAL B 248 -13.42 3.95 -11.76
CA VAL B 248 -12.07 4.38 -11.25
C VAL B 248 -12.11 5.83 -10.70
N GLU B 249 -12.93 6.67 -11.32
CA GLU B 249 -13.06 8.06 -10.93
C GLU B 249 -14.11 8.35 -9.91
N HIS B 250 -14.91 7.36 -9.58
CA HIS B 250 -16.07 7.55 -8.74
C HIS B 250 -15.64 7.89 -7.28
N PRO B 251 -16.28 8.89 -6.62
CA PRO B 251 -16.07 9.21 -5.19
C PRO B 251 -16.28 8.05 -4.24
N ARG B 252 -17.10 7.08 -4.64
CA ARG B 252 -17.54 6.01 -3.75
C ARG B 252 -16.98 4.64 -4.15
N ILE B 253 -16.01 4.63 -5.06
CA ILE B 253 -15.20 3.41 -5.26
C ILE B 253 -13.98 3.50 -4.32
N ARG B 254 -13.82 2.45 -3.53
CA ARG B 254 -12.85 2.37 -2.40
C ARG B 254 -11.43 1.96 -2.83
N PHE B 255 -11.37 0.99 -3.74
CA PHE B 255 -10.11 0.49 -4.29
C PHE B 255 -10.32 0.03 -5.73
N ILE B 256 -9.19 -0.12 -6.41
CA ILE B 256 -9.12 -0.54 -7.81
C ILE B 256 -8.08 -1.67 -7.88
N ASN B 257 -8.48 -2.83 -8.40
CA ASN B 257 -7.53 -3.87 -8.73
C ASN B 257 -7.39 -3.95 -10.26
N PHE B 258 -6.20 -3.72 -10.80
CA PHE B 258 -6.06 -3.68 -12.26
C PHE B 258 -4.91 -4.52 -12.81
N THR B 259 -5.17 -5.31 -13.86
CA THR B 259 -4.10 -5.94 -14.58
C THR B 259 -4.32 -5.69 -16.07
N GLY B 260 -3.31 -5.14 -16.76
CA GLY B 260 -3.36 -4.81 -18.19
C GLY B 260 -2.11 -4.04 -18.60
N SER B 261 -2.21 -3.22 -19.64
CA SER B 261 -1.07 -2.50 -20.16
C SER B 261 -0.63 -1.37 -19.23
N LEU B 262 0.61 -0.92 -19.41
CA LEU B 262 1.19 0.17 -18.63
C LEU B 262 0.46 1.45 -18.87
N GLU B 263 0.29 1.78 -20.14
CA GLU B 263 -0.57 2.89 -20.55
C GLU B 263 -1.84 3.12 -19.71
N VAL B 264 -2.64 2.09 -19.62
CA VAL B 264 -3.91 2.17 -18.88
C VAL B 264 -3.68 2.20 -17.35
N GLY B 265 -2.69 1.45 -16.89
CA GLY B 265 -2.33 1.40 -15.45
C GLY B 265 -1.80 2.73 -14.95
N LEU B 266 -1.00 3.40 -15.77
CA LEU B 266 -0.55 4.76 -15.44
C LEU B 266 -1.67 5.78 -15.22
N LYS B 267 -2.65 5.84 -16.15
CA LYS B 267 -3.90 6.56 -15.93
C LYS B 267 -4.65 6.18 -14.65
N ILE B 268 -4.79 4.88 -14.40
CA ILE B 268 -5.56 4.44 -13.21
C ILE B 268 -4.89 4.90 -11.91
N TYR B 269 -3.56 4.73 -11.82
CA TYR B 269 -2.87 5.14 -10.61
C TYR B 269 -2.95 6.70 -10.43
N GLU B 270 -2.82 7.46 -11.53
CA GLU B 270 -3.02 8.93 -11.51
C GLU B 270 -4.44 9.31 -11.06
N ALA B 271 -5.46 8.73 -11.68
CA ALA B 271 -6.89 8.83 -11.24
C ALA B 271 -7.15 8.58 -9.76
N ALA B 272 -6.66 7.43 -9.28
CA ALA B 272 -6.78 6.93 -7.92
C ALA B 272 -6.17 7.88 -6.85
N GLY B 273 -5.12 8.61 -7.20
CA GLY B 273 -4.58 9.59 -6.27
C GLY B 273 -5.33 10.91 -6.15
N ARG B 274 -6.45 11.06 -6.87
CA ARG B 274 -7.24 12.31 -6.86
C ARG B 274 -8.41 12.15 -5.91
N LEU B 275 -8.74 13.19 -5.16
CA LEU B 275 -10.00 13.10 -4.43
C LEU B 275 -11.16 13.56 -5.30
N ALA B 276 -11.97 12.63 -5.82
CA ALA B 276 -13.22 12.97 -6.54
C ALA B 276 -14.09 13.84 -5.64
N PRO B 277 -14.95 14.72 -6.22
CA PRO B 277 -15.86 15.56 -5.40
C PRO B 277 -16.72 14.75 -4.48
N GLY B 278 -16.59 15.08 -3.20
CA GLY B 278 -17.29 14.42 -2.10
C GLY B 278 -16.76 13.04 -1.71
N GLN B 279 -15.55 12.67 -2.16
CA GLN B 279 -14.85 11.43 -1.70
C GLN B 279 -14.38 11.55 -0.26
N THR B 280 -14.60 10.54 0.58
CA THR B 280 -14.15 10.62 1.99
C THR B 280 -13.00 9.63 2.36
N TRP B 281 -12.07 9.36 1.42
CA TRP B 281 -10.96 8.38 1.66
C TRP B 281 -9.92 8.48 0.56
N PHE B 282 -8.74 7.90 0.84
CA PHE B 282 -7.61 7.81 -0.09
C PHE B 282 -7.78 6.42 -0.74
N LYS B 283 -7.97 6.44 -2.05
CA LYS B 283 -8.22 5.22 -2.85
C LYS B 283 -6.96 4.39 -2.90
N ARG B 284 -7.15 3.09 -2.86
CA ARG B 284 -6.02 2.14 -2.99
C ARG B 284 -6.10 1.60 -4.39
N ALA B 285 -5.01 1.70 -5.14
CA ALA B 285 -4.96 1.20 -6.51
C ALA B 285 -3.80 0.21 -6.67
N TYR B 286 -4.14 -0.99 -7.13
CA TYR B 286 -3.23 -2.10 -7.25
C TYR B 286 -3.17 -2.37 -8.71
N VAL B 287 -1.94 -2.30 -9.24
CA VAL B 287 -1.77 -2.41 -10.70
C VAL B 287 -0.57 -3.29 -11.15
N GLU B 288 -0.84 -4.14 -12.14
CA GLU B 288 0.16 -5.00 -12.67
C GLU B 288 0.13 -4.71 -14.15
N THR B 289 1.23 -4.14 -14.63
CA THR B 289 1.29 -3.41 -15.92
C THR B 289 2.32 -3.97 -16.93
N GLY B 290 2.67 -5.25 -16.83
CA GLY B 290 3.38 -5.95 -17.91
C GLY B 290 4.90 -5.97 -17.74
N GLY B 291 5.64 -6.40 -18.76
CA GLY B 291 7.06 -6.59 -18.60
C GLY B 291 7.78 -6.59 -19.93
N LYS B 292 9.10 -6.46 -19.89
CA LYS B 292 9.91 -6.75 -21.06
C LYS B 292 10.97 -7.69 -20.50
N ASP B 293 10.60 -8.95 -20.37
CA ASP B 293 11.33 -9.98 -19.57
C ASP B 293 12.37 -10.74 -20.35
N ALA B 294 13.53 -10.97 -19.73
CA ALA B 294 14.69 -11.44 -20.44
C ALA B 294 15.13 -12.73 -19.78
N ILE B 295 15.66 -13.63 -20.60
CA ILE B 295 16.42 -14.76 -20.17
C ILE B 295 17.84 -14.52 -20.60
N ILE B 296 18.73 -14.56 -19.59
CA ILE B 296 20.20 -14.58 -19.76
C ILE B 296 20.65 -16.03 -19.83
N VAL B 297 21.57 -16.34 -20.77
CA VAL B 297 22.19 -17.67 -20.79
C VAL B 297 23.68 -17.40 -20.87
N ASP B 298 24.47 -17.99 -19.98
CA ASP B 298 25.92 -17.81 -20.12
C ASP B 298 26.60 -19.06 -20.63
N GLU B 299 27.90 -19.00 -20.86
CA GLU B 299 28.59 -20.12 -21.55
C GLU B 299 28.72 -21.44 -20.76
N THR B 300 28.29 -21.46 -19.51
CA THR B 300 28.43 -22.66 -18.67
C THR B 300 27.11 -23.47 -18.65
N ALA B 301 26.07 -22.87 -19.23
CA ALA B 301 24.71 -23.42 -19.23
C ALA B 301 24.60 -24.77 -19.91
N ASP B 302 23.57 -25.50 -19.54
CA ASP B 302 23.06 -26.58 -20.37
C ASP B 302 22.37 -25.96 -21.60
N PHE B 303 23.08 -25.90 -22.71
CA PHE B 303 22.56 -25.21 -23.92
C PHE B 303 21.25 -25.79 -24.49
N ASP B 304 21.04 -27.11 -24.45
CA ASP B 304 19.77 -27.68 -24.91
C ASP B 304 18.60 -27.39 -24.00
N LEU B 305 18.87 -27.40 -22.71
CA LEU B 305 17.87 -27.16 -21.69
C LEU B 305 17.48 -25.67 -21.72
N ALA B 306 18.47 -24.80 -21.88
CA ALA B 306 18.21 -23.36 -22.09
C ALA B 306 17.34 -23.14 -23.29
N ALA B 307 17.63 -23.79 -24.43
CA ALA B 307 16.89 -23.46 -25.67
C ALA B 307 15.45 -23.92 -25.57
N GLU B 308 15.23 -25.06 -24.90
CA GLU B 308 13.87 -25.55 -24.56
C GLU B 308 13.07 -24.54 -23.69
N GLY B 309 13.68 -24.07 -22.61
CA GLY B 309 13.01 -23.11 -21.71
C GLY B 309 12.73 -21.76 -22.35
N VAL B 310 13.62 -21.34 -23.23
CA VAL B 310 13.47 -20.06 -23.92
C VAL B 310 12.23 -20.11 -24.86
N VAL B 311 12.15 -21.16 -25.67
CA VAL B 311 11.02 -21.45 -26.55
C VAL B 311 9.67 -21.54 -25.82
N VAL B 312 9.57 -22.37 -24.79
CA VAL B 312 8.42 -22.33 -23.88
C VAL B 312 8.13 -20.91 -23.38
N SER B 313 9.14 -20.27 -22.77
CA SER B 313 8.89 -18.93 -22.27
C SER B 313 8.45 -17.91 -23.34
N ALA B 314 9.07 -17.97 -24.53
CA ALA B 314 8.86 -16.94 -25.58
C ALA B 314 7.52 -17.08 -26.34
N TYR B 315 7.12 -18.33 -26.56
CA TYR B 315 6.06 -18.75 -27.47
C TYR B 315 4.86 -19.39 -26.79
N GLY B 316 4.94 -19.73 -25.49
CA GLY B 316 3.78 -20.20 -24.73
C GLY B 316 2.65 -19.15 -24.86
N PHE B 317 1.43 -19.60 -25.20
CA PHE B 317 0.27 -18.75 -25.52
C PHE B 317 0.61 -17.62 -26.49
N GLN B 318 1.46 -17.93 -27.49
CA GLN B 318 1.82 -16.98 -28.55
C GLN B 318 2.57 -15.75 -28.00
N GLY B 319 3.22 -15.89 -26.86
CA GLY B 319 3.89 -14.77 -26.22
C GLY B 319 3.00 -13.68 -25.64
N GLN B 320 1.71 -13.97 -25.48
CA GLN B 320 0.73 -12.99 -24.95
C GLN B 320 0.63 -13.05 -23.42
N LYS B 321 1.80 -13.04 -22.78
CA LYS B 321 1.94 -13.08 -21.30
C LYS B 321 2.82 -11.93 -20.84
N CYS B 322 2.46 -11.35 -19.70
CA CYS B 322 3.32 -10.44 -18.97
C CYS B 322 4.67 -11.06 -18.52
N SER B 323 4.64 -12.40 -18.37
CA SER B 323 5.81 -13.19 -17.97
C SER B 323 6.71 -13.75 -19.11
N ALA B 324 6.26 -13.61 -20.37
CA ALA B 324 6.91 -14.15 -21.58
C ALA B 324 8.36 -13.68 -21.79
N ALA B 325 9.25 -14.59 -22.09
CA ALA B 325 10.55 -14.18 -22.54
C ALA B 325 10.42 -13.49 -23.90
N SER B 326 10.69 -12.20 -23.90
CA SER B 326 10.64 -11.34 -25.09
C SER B 326 12.06 -10.80 -25.40
N ARG B 327 12.98 -10.99 -24.44
CA ARG B 327 14.41 -10.81 -24.69
C ARG B 327 15.22 -12.04 -24.33
N LEU B 328 16.22 -12.32 -25.16
CA LEU B 328 17.14 -13.41 -24.95
C LEU B 328 18.50 -12.74 -24.95
N ILE B 329 19.18 -12.76 -23.79
CA ILE B 329 20.48 -12.11 -23.65
C ILE B 329 21.58 -13.16 -23.57
N LEU B 330 22.41 -13.24 -24.59
CA LEU B 330 23.42 -14.30 -24.58
C LEU B 330 24.84 -13.78 -24.46
N THR B 331 25.58 -14.36 -23.52
CA THR B 331 27.01 -14.06 -23.51
C THR B 331 27.76 -14.56 -24.80
N GLN B 332 28.97 -14.06 -25.03
CA GLN B 332 29.74 -14.38 -26.23
C GLN B 332 29.90 -15.89 -26.45
N GLY B 333 30.34 -16.62 -25.43
CA GLY B 333 30.47 -18.11 -25.48
C GLY B 333 29.17 -18.92 -25.71
N ALA B 334 28.06 -18.36 -25.28
CA ALA B 334 26.77 -18.93 -25.39
C ALA B 334 26.01 -18.54 -26.66
N TYR B 335 26.34 -17.41 -27.31
CA TYR B 335 25.57 -16.90 -28.48
C TYR B 335 25.32 -17.93 -29.59
N GLU B 336 26.35 -18.44 -30.23
CA GLU B 336 26.11 -19.35 -31.36
C GLU B 336 25.39 -20.65 -30.97
N PRO B 337 25.91 -21.36 -29.95
CA PRO B 337 25.29 -22.61 -29.64
C PRO B 337 23.82 -22.45 -29.22
N VAL B 338 23.50 -21.44 -28.40
CA VAL B 338 22.10 -21.21 -27.99
C VAL B 338 21.22 -20.68 -29.14
N LEU B 339 21.65 -19.64 -29.86
CA LEU B 339 20.83 -19.14 -30.98
C LEU B 339 20.47 -20.23 -31.98
N GLU B 340 21.41 -21.11 -32.37
CA GLU B 340 21.10 -22.17 -33.36
C GLU B 340 20.10 -23.17 -32.80
N ARG B 341 20.28 -23.52 -31.52
CA ARG B 341 19.35 -24.46 -30.87
C ARG B 341 17.93 -23.90 -30.71
N VAL B 342 17.79 -22.60 -30.44
CA VAL B 342 16.48 -21.94 -30.37
C VAL B 342 15.80 -21.87 -31.77
N LEU B 343 16.58 -21.52 -32.77
CA LEU B 343 16.09 -21.48 -34.15
C LEU B 343 15.63 -22.85 -34.60
N LYS B 344 16.39 -23.89 -34.29
CA LYS B 344 15.98 -25.25 -34.68
C LYS B 344 14.66 -25.68 -34.01
N ARG B 345 14.53 -25.33 -32.73
CA ARG B 345 13.35 -25.68 -31.97
C ARG B 345 12.14 -24.80 -32.34
N ALA B 346 12.35 -23.48 -32.47
CA ALA B 346 11.27 -22.59 -32.81
C ALA B 346 10.77 -22.89 -34.22
N GLU B 347 11.63 -23.44 -35.10
CA GLU B 347 11.21 -23.69 -36.50
C GLU B 347 10.32 -24.91 -36.66
N ARG B 348 10.32 -25.84 -35.70
CA ARG B 348 9.42 -26.97 -35.70
C ARG B 348 8.12 -26.74 -34.90
N LEU B 349 7.82 -25.51 -34.48
CA LEU B 349 6.57 -25.23 -33.80
C LEU B 349 5.42 -25.16 -34.79
N SER B 350 4.26 -25.74 -34.42
CA SER B 350 3.08 -25.68 -35.27
C SER B 350 2.22 -24.51 -34.84
N VAL B 351 1.51 -23.89 -35.81
CA VAL B 351 0.54 -22.81 -35.55
C VAL B 351 -0.77 -23.23 -36.24
N GLY B 352 -1.90 -23.10 -35.53
CA GLY B 352 -3.17 -23.38 -36.13
C GLY B 352 -4.31 -23.17 -35.16
N PRO B 353 -5.52 -23.53 -35.59
CA PRO B 353 -6.69 -23.48 -34.71
C PRO B 353 -6.37 -24.06 -33.35
N ALA B 354 -6.48 -23.25 -32.33
CA ALA B 354 -6.24 -23.63 -30.94
C ALA B 354 -6.83 -24.99 -30.52
N GLU B 355 -8.01 -25.34 -31.00
CA GLU B 355 -8.68 -26.59 -30.60
C GLU B 355 -7.99 -27.83 -31.17
N GLU B 356 -7.09 -27.67 -32.14
CA GLU B 356 -6.25 -28.80 -32.53
C GLU B 356 -5.04 -29.01 -31.61
N ASN B 357 -4.93 -28.22 -30.54
CA ASN B 357 -3.75 -28.29 -29.69
C ASN B 357 -2.40 -28.06 -30.45
N PRO B 358 -2.30 -26.96 -31.24
CA PRO B 358 -1.03 -26.66 -31.90
C PRO B 358 -0.08 -26.17 -30.80
N ASP B 359 1.22 -26.07 -31.07
CA ASP B 359 2.07 -25.33 -30.16
C ASP B 359 1.63 -23.87 -30.01
N LEU B 360 1.31 -23.19 -31.11
CA LEU B 360 0.74 -21.84 -30.99
C LEU B 360 -0.62 -21.83 -31.65
N GLY B 361 -1.61 -21.28 -30.98
CA GLY B 361 -2.80 -20.82 -31.68
C GLY B 361 -2.66 -19.40 -32.27
N PRO B 362 -3.81 -18.71 -32.52
CA PRO B 362 -3.84 -17.32 -33.03
C PRO B 362 -3.47 -16.33 -31.93
N VAL B 363 -3.10 -15.10 -32.34
CA VAL B 363 -3.16 -13.95 -31.42
C VAL B 363 -4.65 -13.61 -31.20
N VAL B 364 -4.98 -12.78 -30.20
CA VAL B 364 -6.35 -12.78 -29.66
C VAL B 364 -7.44 -12.08 -30.50
N SER B 365 -7.04 -11.08 -31.27
CA SER B 365 -8.00 -10.24 -31.99
C SER B 365 -7.31 -9.60 -33.19
N ALA B 366 -8.11 -9.02 -34.05
CA ALA B 366 -7.60 -8.25 -35.20
C ALA B 366 -6.66 -7.14 -34.80
N GLU B 367 -7.04 -6.43 -33.77
CA GLU B 367 -6.22 -5.37 -33.23
C GLU B 367 -4.88 -5.89 -32.65
N GLN B 368 -4.88 -7.00 -31.92
CA GLN B 368 -3.58 -7.61 -31.56
C GLN B 368 -2.67 -7.98 -32.73
N GLU B 369 -3.21 -8.64 -33.75
CA GLU B 369 -2.42 -8.84 -34.98
C GLU B 369 -1.78 -7.57 -35.58
N ARG B 370 -2.55 -6.49 -35.62
CA ARG B 370 -2.10 -5.19 -36.11
C ARG B 370 -0.83 -4.75 -35.36
N LYS B 371 -0.96 -4.72 -34.04
CA LYS B 371 0.09 -4.35 -33.10
C LYS B 371 1.32 -5.21 -33.26
N VAL B 372 1.14 -6.53 -33.21
CA VAL B 372 2.29 -7.40 -33.39
C VAL B 372 3.01 -7.19 -34.74
N LEU B 373 2.24 -7.14 -35.84
CA LEU B 373 2.79 -6.99 -37.21
C LEU B 373 3.48 -5.66 -37.36
N SER B 374 2.92 -4.64 -36.71
CA SER B 374 3.52 -3.33 -36.70
C SER B 374 4.92 -3.32 -36.01
N TYR B 375 5.04 -3.98 -34.84
CA TYR B 375 6.33 -4.16 -34.19
C TYR B 375 7.32 -4.98 -35.00
N ILE B 376 6.81 -6.00 -35.69
CA ILE B 376 7.64 -6.79 -36.59
C ILE B 376 8.22 -5.84 -37.67
N GLU B 377 7.38 -4.92 -38.17
CA GLU B 377 7.85 -3.93 -39.14
C GLU B 377 8.98 -3.02 -38.57
N ILE B 378 8.79 -2.46 -37.38
CA ILE B 378 9.85 -1.70 -36.65
C ILE B 378 11.07 -2.58 -36.46
N GLY B 379 10.84 -3.84 -36.04
CA GLY B 379 11.91 -4.78 -35.75
C GLY B 379 12.83 -4.98 -36.95
N LYS B 380 12.26 -4.99 -38.16
CA LYS B 380 13.04 -5.21 -39.37
C LYS B 380 14.12 -4.15 -39.59
N ASN B 381 13.79 -2.91 -39.21
CA ASN B 381 14.67 -1.72 -39.20
C ASN B 381 15.77 -1.73 -38.10
N GLU B 382 15.52 -2.48 -37.02
CA GLU B 382 16.36 -2.40 -35.80
C GLU B 382 17.34 -3.57 -35.56
N GLY B 383 16.94 -4.78 -35.92
CA GLY B 383 17.88 -5.87 -36.00
C GLY B 383 17.58 -6.78 -37.16
N GLN B 384 18.26 -7.91 -37.21
CA GLN B 384 18.07 -8.97 -38.20
C GLN B 384 16.92 -9.95 -37.92
N LEU B 385 15.87 -9.90 -38.74
CA LEU B 385 14.87 -10.96 -38.77
C LEU B 385 15.54 -12.26 -39.19
N VAL B 386 15.46 -13.31 -38.37
CA VAL B 386 16.09 -14.63 -38.70
C VAL B 386 15.16 -15.89 -38.63
N LEU B 387 13.90 -15.67 -38.20
CA LEU B 387 12.83 -16.66 -38.27
C LEU B 387 11.52 -15.94 -38.27
N GLY B 388 10.55 -16.39 -39.06
CA GLY B 388 9.17 -15.93 -38.96
C GLY B 388 8.92 -14.53 -39.51
N GLY B 389 8.21 -13.73 -38.74
CA GLY B 389 8.05 -12.35 -39.07
C GLY B 389 6.90 -12.07 -40.04
N LYS B 390 5.84 -12.87 -39.95
CA LYS B 390 4.81 -12.91 -40.96
C LYS B 390 3.54 -13.56 -40.48
N ARG B 391 2.46 -13.15 -41.13
CA ARG B 391 1.16 -13.65 -40.89
C ARG B 391 1.04 -15.02 -41.62
N LEU B 392 0.33 -16.00 -41.05
CA LEU B 392 0.15 -17.30 -41.71
C LEU B 392 -1.30 -17.42 -42.16
N GLU B 393 -1.54 -18.29 -43.15
CA GLU B 393 -2.82 -18.37 -43.90
C GLU B 393 -4.02 -18.84 -43.09
N GLY B 394 -5.14 -18.21 -43.33
CA GLY B 394 -6.35 -18.55 -42.62
C GLY B 394 -6.87 -17.25 -42.14
N GLU B 395 -8.19 -17.16 -41.95
CA GLU B 395 -8.80 -15.96 -41.42
C GLU B 395 -8.41 -15.80 -39.95
N GLY B 396 -8.16 -16.90 -39.26
CA GLY B 396 -7.60 -16.84 -37.89
C GLY B 396 -6.36 -15.97 -37.79
N TYR B 397 -6.14 -15.37 -36.63
CA TYR B 397 -5.03 -14.40 -36.46
C TYR B 397 -3.76 -15.11 -36.13
N PHE B 398 -3.38 -16.04 -37.00
CA PHE B 398 -2.14 -16.83 -36.88
C PHE B 398 -0.90 -16.01 -37.27
N ILE B 399 0.11 -15.94 -36.38
CA ILE B 399 1.44 -15.31 -36.66
C ILE B 399 2.58 -16.31 -36.36
N ALA B 400 3.61 -16.34 -37.22
CA ALA B 400 4.76 -17.20 -37.05
C ALA B 400 5.60 -16.77 -35.83
N PRO B 401 6.08 -17.76 -35.04
CA PRO B 401 7.16 -17.54 -34.05
C PRO B 401 8.25 -16.71 -34.73
N THR B 402 8.67 -15.60 -34.15
CA THR B 402 9.57 -14.64 -34.85
C THR B 402 10.81 -14.42 -33.99
N VAL B 403 12.00 -14.39 -34.61
CA VAL B 403 13.23 -14.10 -33.87
C VAL B 403 14.00 -13.04 -34.62
N PHE B 404 14.38 -11.97 -33.91
CA PHE B 404 15.34 -10.96 -34.32
C PHE B 404 16.63 -11.15 -33.51
N THR B 405 17.73 -10.99 -34.22
CA THR B 405 19.09 -11.03 -33.64
C THR B 405 19.83 -9.69 -33.90
N GLU B 406 21.03 -9.57 -33.34
CA GLU B 406 21.77 -8.30 -33.36
C GLU B 406 20.82 -7.11 -33.06
N VAL B 407 20.04 -7.22 -31.97
CA VAL B 407 19.17 -6.12 -31.57
C VAL B 407 19.98 -5.28 -30.58
N PRO B 408 20.12 -3.96 -30.87
CA PRO B 408 20.60 -3.10 -29.79
C PRO B 408 19.68 -3.10 -28.55
N PRO B 409 20.28 -3.17 -27.36
CA PRO B 409 19.68 -3.08 -26.05
C PRO B 409 18.58 -2.00 -25.95
N LYS B 410 18.72 -0.89 -26.68
CA LYS B 410 17.78 0.23 -26.49
C LYS B 410 16.84 0.45 -27.68
N ALA B 411 16.95 -0.45 -28.66
CA ALA B 411 16.00 -0.51 -29.75
C ALA B 411 14.60 -0.66 -29.17
N ARG B 412 13.61 -0.19 -29.90
CA ARG B 412 12.24 -0.28 -29.48
C ARG B 412 11.79 -1.74 -29.19
N ILE B 413 12.18 -2.68 -30.05
CA ILE B 413 11.77 -4.08 -29.88
C ILE B 413 12.38 -4.75 -28.65
N ALA B 414 13.44 -4.13 -28.11
CA ALA B 414 14.15 -4.58 -26.89
C ALA B 414 13.68 -3.83 -25.63
N GLN B 415 12.68 -2.95 -25.78
CA GLN B 415 12.26 -1.99 -24.74
C GLN B 415 10.76 -1.98 -24.49
N GLU B 416 9.98 -2.16 -25.53
CA GLU B 416 8.51 -2.00 -25.46
C GLU B 416 7.89 -3.39 -25.50
N GLU B 417 6.79 -3.53 -24.82
CA GLU B 417 6.17 -4.81 -24.69
C GLU B 417 5.29 -5.00 -25.93
N ILE B 418 5.57 -6.08 -26.64
CA ILE B 418 4.98 -6.35 -27.94
C ILE B 418 3.74 -7.26 -27.73
N PHE B 419 3.85 -8.18 -26.77
CA PHE B 419 2.73 -9.10 -26.40
C PHE B 419 2.29 -10.03 -27.55
N GLY B 420 3.29 -10.60 -28.24
CA GLY B 420 3.08 -11.47 -29.40
C GLY B 420 4.27 -12.43 -29.51
N PRO B 421 4.24 -13.35 -30.49
CA PRO B 421 5.35 -14.33 -30.55
C PRO B 421 6.66 -13.79 -31.15
N VAL B 422 7.31 -12.84 -30.46
CA VAL B 422 8.46 -12.13 -31.05
C VAL B 422 9.64 -12.12 -30.02
N LEU B 423 10.77 -12.77 -30.33
CA LEU B 423 11.92 -12.74 -29.44
C LEU B 423 13.06 -11.89 -29.99
N SER B 424 13.62 -11.01 -29.16
CA SER B 424 14.78 -10.22 -29.49
C SER B 424 16.03 -10.82 -28.82
N VAL B 425 17.05 -11.09 -29.60
CA VAL B 425 18.27 -11.69 -29.11
C VAL B 425 19.32 -10.57 -29.01
N ILE B 426 19.97 -10.51 -27.83
CA ILE B 426 20.96 -9.51 -27.49
C ILE B 426 22.30 -10.21 -27.17
N ARG B 427 23.36 -9.81 -27.86
CA ARG B 427 24.68 -10.41 -27.64
C ARG B 427 25.44 -9.50 -26.71
N VAL B 428 26.13 -10.11 -25.74
CA VAL B 428 26.89 -9.38 -24.74
C VAL B 428 28.21 -10.12 -24.49
N LYS B 429 29.23 -9.40 -23.99
CA LYS B 429 30.58 -9.99 -23.75
C LYS B 429 30.56 -10.99 -22.58
N ASP B 430 30.03 -10.57 -21.44
CA ASP B 430 30.06 -11.42 -20.24
C ASP B 430 28.81 -11.31 -19.35
N PHE B 431 28.81 -11.91 -18.18
CA PHE B 431 27.63 -11.88 -17.32
C PHE B 431 27.32 -10.49 -16.74
N ALA B 432 28.38 -9.77 -16.34
CA ALA B 432 28.25 -8.37 -15.94
C ALA B 432 27.44 -7.52 -16.97
N GLU B 433 27.88 -7.55 -18.24
CA GLU B 433 27.12 -6.85 -19.30
C GLU B 433 25.72 -7.45 -19.40
N ALA B 434 25.61 -8.78 -19.28
CA ALA B 434 24.30 -9.46 -19.42
C ALA B 434 23.33 -8.91 -18.41
N LEU B 435 23.82 -8.68 -17.19
CA LEU B 435 22.97 -8.19 -16.10
C LEU B 435 22.59 -6.73 -16.28
N GLU B 436 23.52 -5.93 -16.77
CA GLU B 436 23.23 -4.50 -17.12
C GLU B 436 22.14 -4.40 -18.13
N VAL B 437 22.30 -5.14 -19.22
CA VAL B 437 21.27 -5.21 -20.25
C VAL B 437 19.88 -5.73 -19.73
N ALA B 438 19.85 -6.78 -18.93
CA ALA B 438 18.58 -7.25 -18.32
C ALA B 438 17.85 -6.16 -17.49
N ASN B 439 18.64 -5.36 -16.77
CA ASN B 439 18.11 -4.35 -15.86
C ASN B 439 17.71 -3.08 -16.57
N ASP B 440 18.34 -2.84 -17.71
CA ASP B 440 18.14 -1.58 -18.40
C ASP B 440 16.81 -1.50 -19.20
N THR B 441 15.68 -1.56 -18.50
CA THR B 441 14.35 -1.41 -19.16
C THR B 441 13.54 -0.66 -18.14
N PRO B 442 12.37 -0.17 -18.52
CA PRO B 442 11.48 0.46 -17.51
C PRO B 442 10.82 -0.55 -16.57
N TYR B 443 11.00 -1.83 -16.88
CA TYR B 443 10.12 -2.85 -16.28
C TYR B 443 10.92 -3.66 -15.30
N GLY B 444 10.26 -4.62 -14.65
CA GLY B 444 10.96 -5.55 -13.76
C GLY B 444 10.01 -6.60 -13.23
N LEU B 445 9.33 -7.33 -14.14
CA LEU B 445 8.40 -8.40 -13.73
C LEU B 445 9.05 -9.79 -13.63
N THR B 446 9.34 -10.42 -14.78
CA THR B 446 9.95 -11.76 -14.74
C THR B 446 11.31 -11.73 -15.40
N GLY B 447 12.12 -12.74 -15.07
CA GLY B 447 13.42 -12.85 -15.61
C GLY B 447 13.91 -14.24 -15.38
N GLY B 448 14.97 -14.57 -16.12
CA GLY B 448 15.48 -15.94 -16.11
C GLY B 448 16.96 -15.96 -16.34
N VAL B 449 17.60 -16.98 -15.76
CA VAL B 449 19.02 -17.19 -15.98
C VAL B 449 19.28 -18.71 -16.16
N TYR B 450 19.95 -19.05 -17.26
CA TYR B 450 20.52 -20.35 -17.48
C TYR B 450 22.04 -20.27 -17.36
N SER B 451 22.62 -21.08 -16.48
CA SER B 451 24.03 -21.07 -16.10
C SER B 451 24.22 -22.15 -14.99
N ARG B 452 25.39 -22.76 -14.95
CA ARG B 452 25.72 -23.72 -13.91
C ARG B 452 26.73 -23.08 -12.93
N LYS B 453 27.09 -21.83 -13.17
CA LYS B 453 28.04 -21.18 -12.32
C LYS B 453 27.31 -20.60 -11.11
N ARG B 454 27.54 -21.12 -9.90
CA ARG B 454 26.76 -20.67 -8.74
C ARG B 454 26.89 -19.17 -8.49
N GLU B 455 28.10 -18.66 -8.64
CA GLU B 455 28.39 -17.26 -8.34
C GLU B 455 27.54 -16.31 -9.23
N HIS B 456 27.22 -16.76 -10.45
CA HIS B 456 26.48 -15.94 -11.45
C HIS B 456 25.00 -15.99 -11.10
N LEU B 457 24.55 -17.19 -10.70
CA LEU B 457 23.17 -17.36 -10.18
C LEU B 457 22.96 -16.58 -8.89
N GLU B 458 23.92 -16.64 -7.96
CA GLU B 458 23.71 -16.00 -6.66
C GLU B 458 23.89 -14.47 -6.77
N TRP B 459 24.82 -14.02 -7.62
CA TRP B 459 24.85 -12.62 -8.12
C TRP B 459 23.50 -12.16 -8.69
N ALA B 460 22.87 -12.96 -9.55
CA ALA B 460 21.57 -12.59 -10.11
C ALA B 460 20.42 -12.50 -9.08
N ARG B 461 20.36 -13.44 -8.14
CA ARG B 461 19.38 -13.45 -7.03
C ARG B 461 19.40 -12.09 -6.34
N ARG B 462 20.61 -11.56 -6.12
CA ARG B 462 20.86 -10.22 -5.56
C ARG B 462 20.61 -9.03 -6.49
N GLU B 463 20.91 -9.12 -7.80
CA GLU B 463 21.01 -7.90 -8.67
C GLU B 463 20.28 -7.94 -10.02
N PHE B 464 19.68 -9.06 -10.39
CA PHE B 464 18.70 -9.10 -11.51
C PHE B 464 17.33 -8.63 -10.95
N HIS B 465 16.99 -7.36 -11.24
CA HIS B 465 15.95 -6.65 -10.47
C HIS B 465 14.57 -6.81 -11.12
N VAL B 466 14.03 -8.00 -10.88
CA VAL B 466 12.71 -8.48 -11.34
C VAL B 466 12.07 -9.13 -10.12
N GLY B 467 10.75 -9.04 -9.97
CA GLY B 467 10.03 -9.63 -8.81
C GLY B 467 9.87 -11.14 -8.86
N ASN B 468 10.04 -11.72 -10.07
CA ASN B 468 9.99 -13.19 -10.26
C ASN B 468 11.14 -13.67 -11.11
N LEU B 469 12.20 -14.15 -10.45
CA LEU B 469 13.41 -14.60 -11.10
C LEU B 469 13.43 -16.15 -11.09
N TYR B 470 13.80 -16.77 -12.22
CA TYR B 470 13.80 -18.21 -12.36
C TYR B 470 15.16 -18.68 -12.85
N PHE B 471 15.74 -19.71 -12.22
CA PHE B 471 17.02 -20.27 -12.69
C PHE B 471 16.87 -21.69 -13.25
N ASN B 472 17.41 -21.87 -14.47
CA ASN B 472 17.50 -23.13 -15.21
C ASN B 472 16.14 -23.78 -15.50
N ARG B 473 15.14 -22.93 -15.73
CA ARG B 473 13.79 -23.37 -15.97
C ARG B 473 13.05 -22.20 -16.65
N LYS B 474 11.87 -22.50 -17.17
CA LYS B 474 10.99 -21.47 -17.80
C LYS B 474 10.70 -20.29 -16.86
N ILE B 475 10.39 -19.13 -17.43
CA ILE B 475 10.09 -17.94 -16.64
C ILE B 475 8.59 -17.61 -16.55
N THR B 476 7.74 -18.39 -17.21
CA THR B 476 6.27 -18.19 -17.21
C THR B 476 5.75 -19.26 -16.31
N GLY B 477 4.46 -19.24 -16.02
CA GLY B 477 3.83 -20.32 -15.31
C GLY B 477 3.92 -20.25 -13.79
N ALA B 478 4.21 -19.07 -13.24
CA ALA B 478 4.29 -18.81 -11.80
C ALA B 478 3.14 -19.58 -11.16
N LEU B 479 3.41 -20.37 -10.13
CA LEU B 479 2.37 -21.15 -9.47
C LEU B 479 1.88 -20.41 -8.23
N VAL B 480 0.56 -20.33 -8.06
CA VAL B 480 -0.02 -19.75 -6.86
C VAL B 480 0.56 -20.43 -5.59
N GLY B 481 1.04 -19.65 -4.61
CA GLY B 481 1.52 -20.27 -3.35
C GLY B 481 3.02 -20.47 -3.37
N VAL B 482 3.50 -20.91 -4.52
CA VAL B 482 4.89 -21.26 -4.73
C VAL B 482 5.75 -20.04 -5.07
N GLN B 483 5.35 -19.33 -6.12
CA GLN B 483 6.00 -18.14 -6.55
C GLN B 483 5.02 -16.96 -6.44
N PRO B 484 4.98 -16.27 -5.29
CA PRO B 484 4.28 -14.95 -5.25
C PRO B 484 4.56 -14.09 -6.54
N PHE B 485 3.49 -13.70 -7.23
CA PHE B 485 3.63 -13.09 -8.55
C PHE B 485 3.37 -11.58 -8.51
N GLY B 486 4.36 -10.76 -8.84
CA GLY B 486 4.13 -9.34 -9.02
C GLY B 486 5.49 -8.76 -9.25
N GLY B 487 5.54 -7.53 -9.76
CA GLY B 487 6.76 -6.90 -10.33
C GLY B 487 7.36 -5.70 -9.61
N PHE B 488 8.47 -5.18 -10.16
CA PHE B 488 9.11 -3.92 -9.75
C PHE B 488 9.00 -2.88 -10.86
N LYS B 489 9.39 -1.62 -10.55
CA LYS B 489 9.54 -0.58 -11.56
C LYS B 489 8.22 -0.38 -12.34
N LEU B 490 8.23 -0.22 -13.65
CA LEU B 490 6.93 -0.02 -14.26
C LEU B 490 6.13 -1.32 -14.52
N SER B 491 6.50 -2.43 -13.84
CA SER B 491 5.72 -3.65 -13.99
C SER B 491 4.59 -3.60 -12.98
N GLY B 492 4.53 -2.55 -12.17
CA GLY B 492 3.31 -2.32 -11.31
C GLY B 492 3.66 -2.03 -9.88
N THR B 493 2.77 -2.37 -8.97
CA THR B 493 2.89 -1.97 -7.57
C THR B 493 3.31 -3.08 -6.62
N ASN B 494 3.76 -4.20 -7.18
CA ASN B 494 4.35 -5.35 -6.41
C ASN B 494 3.28 -5.94 -5.49
N ALA B 495 2.05 -5.89 -5.99
CA ALA B 495 0.96 -6.54 -5.28
C ALA B 495 1.15 -8.04 -5.53
N LYS B 496 1.70 -8.79 -4.56
CA LYS B 496 2.05 -10.22 -4.81
C LYS B 496 0.83 -11.12 -4.72
N THR B 497 0.35 -11.53 -5.90
CA THR B 497 -0.75 -12.48 -5.99
C THR B 497 -0.30 -13.89 -5.60
N GLY B 498 -1.25 -14.69 -5.13
CA GLY B 498 -0.97 -16.09 -4.74
C GLY B 498 -0.05 -16.10 -3.54
N ALA B 499 -0.18 -15.05 -2.69
CA ALA B 499 0.69 -14.84 -1.53
C ALA B 499 -0.13 -14.30 -0.40
N LEU B 500 0.30 -14.64 0.81
CA LEU B 500 -0.31 -14.16 2.04
C LEU B 500 -0.45 -12.66 2.08
N ASP B 501 0.62 -11.94 1.69
CA ASP B 501 0.64 -10.48 1.63
C ASP B 501 -0.41 -9.89 0.69
N TYR B 502 -0.93 -10.63 -0.28
CA TYR B 502 -1.94 -10.05 -1.18
C TYR B 502 -3.19 -9.62 -0.43
N LEU B 503 -3.64 -10.39 0.53
CA LEU B 503 -4.94 -10.06 1.16
C LEU B 503 -4.87 -8.82 2.07
N ARG B 504 -3.67 -8.51 2.55
CA ARG B 504 -3.42 -7.44 3.46
C ARG B 504 -3.69 -6.14 2.74
N LEU B 505 -3.54 -6.17 1.42
CA LEU B 505 -3.84 -5.00 0.59
C LEU B 505 -5.30 -4.68 0.67
N PHE B 506 -6.13 -5.66 0.95
CA PHE B 506 -7.61 -5.34 0.98
C PHE B 506 -8.21 -5.15 2.37
N LEU B 507 -7.35 -4.88 3.35
CA LEU B 507 -7.74 -4.70 4.73
C LEU B 507 -7.24 -3.39 5.25
N GLU B 508 -7.90 -2.89 6.30
CA GLU B 508 -7.28 -1.87 7.14
C GLU B 508 -7.32 -2.35 8.58
N MET B 509 -6.54 -1.71 9.43
CA MET B 509 -6.47 -2.13 10.84
C MET B 509 -7.05 -1.11 11.84
N LYS B 510 -7.70 -1.66 12.86
CA LYS B 510 -8.30 -0.94 13.96
C LYS B 510 -7.65 -1.45 15.26
N ALA B 511 -7.45 -0.55 16.23
CA ALA B 511 -6.83 -0.83 17.51
C ALA B 511 -7.83 -0.33 18.55
N VAL B 512 -8.28 -1.24 19.42
CA VAL B 512 -9.31 -0.90 20.40
C VAL B 512 -8.83 -1.25 21.81
N ALA B 513 -8.73 -0.22 22.66
CA ALA B 513 -8.25 -0.37 24.02
C ALA B 513 -9.38 -0.30 25.02
N GLU B 514 -9.46 -1.18 25.99
CA GLU B 514 -10.35 -0.92 27.09
C GLU B 514 -9.53 -0.85 28.37
N ARG B 515 -9.66 0.25 29.13
CA ARG B 515 -9.01 0.36 30.45
C ARG B 515 -10.07 -0.13 31.42
N PHE B 516 -9.80 -1.18 32.18
CA PHE B 516 -10.87 -1.74 33.05
C PHE B 516 -11.06 -1.00 34.37
C ACT C . -14.97 -0.56 12.24
O ACT C . -15.18 -0.11 11.13
OXT ACT C . -14.85 0.33 13.12
CH3 ACT C . -14.92 -2.05 12.48
NA NA D . 9.89 27.37 17.37
C ACT E . 16.61 -7.25 -6.23
O ACT E . 16.57 -7.59 -7.43
OXT ACT E . 17.12 -6.16 -5.98
CH3 ACT E . 16.08 -8.14 -5.15
N DPR F . 1.39 10.40 19.62
CA DPR F . 0.20 9.55 19.53
CB DPR F . 0.01 9.37 18.01
CG DPR F . 1.33 9.75 17.38
CD DPR F . 1.85 10.84 18.29
C DPR F . -1.05 10.21 20.13
O DPR F . -2.07 9.53 20.27
OXT DPR F . -1.07 11.42 20.46
C1 MPD G . 8.73 -6.42 17.38
C2 MPD G . 8.33 -6.71 18.80
O2 MPD G . 9.31 -7.65 19.34
CM MPD G . 8.37 -5.40 19.58
C3 MPD G . 6.95 -7.38 18.65
C4 MPD G . 5.97 -7.34 19.80
O4 MPD G . 5.07 -8.41 19.67
C5 MPD G . 6.59 -7.39 21.20
C1 MPD H . -5.10 19.45 30.42
C2 MPD H . -4.13 18.45 31.05
O2 MPD H . -2.92 19.21 31.29
CM MPD H . -3.82 17.37 30.02
C3 MPD H . -4.75 17.87 32.35
C4 MPD H . -3.87 17.79 33.61
O4 MPD H . -3.39 16.46 33.71
C5 MPD H . -4.60 18.13 34.91
C1 MPD I . 2.22 20.48 -0.76
C2 MPD I . 3.53 19.87 -1.25
O2 MPD I . 4.17 20.85 -2.11
CM MPD I . 3.16 18.68 -2.15
C3 MPD I . 4.53 19.44 -0.15
C4 MPD I . 4.95 20.45 0.96
O4 MPD I . 6.16 21.13 0.69
C5 MPD I . 5.15 19.75 2.30
C1 MPD J . 28.42 22.75 15.47
C2 MPD J . 28.29 21.55 14.51
O2 MPD J . 28.81 21.99 13.23
CM MPD J . 29.09 20.36 15.02
C3 MPD J . 26.83 21.18 14.24
C4 MPD J . 26.14 20.48 15.41
O4 MPD J . 26.33 21.26 16.56
C5 MPD J . 24.65 20.38 15.10
C1 MPD K . 7.43 -12.11 7.55
C2 MPD K . 6.08 -11.87 8.21
O2 MPD K . 5.32 -11.05 7.28
CM MPD K . 5.37 -13.21 8.46
C3 MPD K . 6.27 -11.12 9.52
C4 MPD K . 5.09 -10.22 9.90
O4 MPD K . 4.09 -10.95 10.57
C5 MPD K . 5.57 -9.08 10.80
NA NA L . -12.96 -13.19 -28.43
N DPR M . 0.19 -16.89 -14.80
CA DPR M . 1.50 -16.55 -14.27
CB DPR M . 1.28 -15.14 -13.72
CG DPR M . -0.14 -14.91 -13.67
CD DPR M . -0.69 -15.72 -14.78
C DPR M . 2.61 -16.52 -15.35
O DPR M . 3.78 -16.27 -15.01
OXT DPR M . 2.36 -16.76 -16.57
C1 MPD N . -12.07 17.53 1.61
C2 MPD N . -13.23 17.61 2.60
O2 MPD N . -13.43 19.02 2.83
CM MPD N . -12.79 17.09 3.96
C3 MPD N . -14.62 17.14 2.10
C4 MPD N . -14.88 15.66 1.74
O4 MPD N . -14.73 15.46 0.33
C5 MPD N . -16.27 15.22 2.23
C1 MPD O . -2.49 -19.83 3.16
C2 MPD O . -1.87 -21.21 2.98
O2 MPD O . -2.32 -22.13 4.00
CM MPD O . -2.43 -21.76 1.70
C3 MPD O . -0.37 -20.96 3.05
C4 MPD O . 0.59 -22.13 3.26
O4 MPD O . 1.85 -21.55 3.16
C5 MPD O . 0.51 -22.76 4.65
C1 MPD P . 0.17 -13.10 11.35
C2 MPD P . -0.57 -12.30 10.28
O2 MPD P . 0.37 -11.37 9.70
CM MPD P . -1.71 -11.49 10.88
C3 MPD P . -1.10 -13.21 9.18
C4 MPD P . -0.03 -13.94 8.35
O4 MPD P . 0.84 -13.00 7.77
C5 MPD P . -0.63 -14.75 7.23
C1 MPD Q . -10.69 4.83 -18.52
C2 MPD Q . -9.51 4.43 -17.64
O2 MPD Q . -8.40 4.52 -18.56
CM MPD Q . -9.28 5.49 -16.57
C3 MPD Q . -9.62 3.02 -16.99
C4 MPD Q . -10.52 1.88 -17.54
O4 MPD Q . -11.29 2.23 -18.67
C5 MPD Q . -9.79 0.54 -17.85
C1 MPD R . -12.93 -25.36 -37.31
C2 MPD R . -11.99 -25.81 -38.41
O2 MPD R . -10.85 -24.89 -38.47
CM MPD R . -12.71 -25.74 -39.75
C3 MPD R . -11.52 -27.23 -38.22
C4 MPD R . -11.15 -27.49 -36.76
O4 MPD R . -10.00 -26.78 -36.39
C5 MPD R . -10.93 -28.97 -36.47
C1 MPD S . 7.40 -26.88 -25.12
C2 MPD S . 5.93 -26.57 -25.41
O2 MPD S . 5.69 -27.04 -26.76
CM MPD S . 5.07 -27.38 -24.45
C3 MPD S . 5.50 -25.08 -25.39
C4 MPD S . 5.61 -24.49 -26.79
O4 MPD S . 4.96 -23.25 -27.00
C5 MPD S . 7.08 -24.21 -27.03
C1 MPD T . -25.81 -17.18 -18.13
C2 MPD T . -27.13 -17.92 -17.90
O2 MPD T . -26.94 -18.95 -16.88
CM MPD T . -27.63 -18.52 -19.23
C3 MPD T . -28.14 -16.91 -17.35
C4 MPD T . -29.62 -17.22 -17.55
O4 MPD T . -30.29 -16.11 -17.02
C5 MPD T . -30.10 -18.48 -16.84
#